data_3OW4
#
_entry.id   3OW4
#
_cell.length_a   86.427
_cell.length_b   55.823
_cell.length_c   91.354
_cell.angle_alpha   90.00
_cell.angle_beta   103.93
_cell.angle_gamma   90.00
#
_symmetry.space_group_name_H-M   'P 1 21 1'
#
loop_
_entity.id
_entity.type
_entity.pdbx_description
1 polymer 'RAC-alpha serine/threonine-protein kinase'
2 polymer 'GSK 3 beta peptide'
3 non-polymer (2R)-3-(1H-indol-3-yl)-1-{4-[(5S)-5-methyl-5,7-dihydrothieno[3,4-d]pyrimidin-4-yl]piperazin-1-yl}-1-oxopropan-2-amine
4 water water
#
loop_
_entity_poly.entity_id
_entity_poly.type
_entity_poly.pdbx_seq_one_letter_code
_entity_poly.pdbx_strand_id
1 'polypeptide(L)'
;GAMARVTMNEFEYLKLLGKGTFGKVILVKEKATGRYYAMKILKKEVIVAKDEVAHTLTENRVLQNSRHPFLTALKYSFQT
HDRLCFVMEYANGGELFFHLSRERVFSEDRARFYGAEIVSALDYLHSEKNVVYRDLKLENLMLDKDGHIKITDFGLCKEG
IKDGATMK(TPO)FCGTPEYLAPEVLEDNDYGRAVDWWGLGVVMYEMMCGRLPFYNQDHEKLFELILMEEIRFPRTLGPE
AKSLLSGLLKKDPKQRLGGGSEDAKEIMQHRFFAGIVWQHVYEKKLSPPFKPQVTSETDTRYFDEEFTAQMITITPPDQD
DSMECVDSERRPHFPQFDYSASSTA
;
A,B
2 'polypeptide(L)' GRPRTTSFAE C,D
#
# COMPACT_ATOMS: atom_id res chain seq x y z
N ARG A 5 -24.70 -12.15 -14.41
CA ARG A 5 -25.16 -11.09 -15.35
C ARG A 5 -26.67 -10.80 -15.22
N VAL A 6 -27.06 -9.51 -15.33
CA VAL A 6 -28.40 -9.04 -14.86
C VAL A 6 -29.21 -8.19 -15.86
N THR A 7 -30.48 -7.94 -15.52
CA THR A 7 -31.40 -7.09 -16.30
C THR A 7 -32.15 -6.12 -15.37
N MET A 8 -33.06 -5.31 -15.93
CA MET A 8 -33.86 -4.33 -15.18
C MET A 8 -34.69 -4.89 -13.99
N ASN A 9 -35.06 -6.16 -14.11
CA ASN A 9 -36.04 -6.80 -13.24
C ASN A 9 -35.46 -7.37 -11.94
N GLU A 10 -34.13 -7.56 -11.91
CA GLU A 10 -33.42 -8.14 -10.77
C GLU A 10 -33.29 -7.16 -9.60
N PHE A 11 -33.88 -5.97 -9.78
CA PHE A 11 -33.82 -4.85 -8.83
C PHE A 11 -35.22 -4.26 -8.55
N GLU A 12 -35.47 -3.91 -7.28
CA GLU A 12 -36.61 -3.07 -6.89
C GLU A 12 -36.17 -1.60 -6.83
N TYR A 13 -37.09 -0.69 -7.17
CA TYR A 13 -36.79 0.73 -7.34
C TYR A 13 -37.35 1.62 -6.25
N LEU A 14 -36.56 1.85 -5.20
CA LEU A 14 -37.07 2.41 -3.95
C LEU A 14 -37.21 3.94 -3.82
N LYS A 15 -36.32 4.72 -4.44
CA LYS A 15 -36.25 6.19 -4.19
C LYS A 15 -35.45 6.91 -5.27
N LEU A 16 -35.88 8.11 -5.63
CA LEU A 16 -35.18 8.89 -6.65
C LEU A 16 -34.09 9.78 -5.99
N LEU A 17 -32.91 9.83 -6.61
CA LEU A 17 -31.74 10.50 -6.02
C LEU A 17 -31.25 11.72 -6.82
N GLY A 18 -31.58 11.74 -8.10
CA GLY A 18 -31.30 12.88 -8.96
C GLY A 18 -31.94 12.67 -10.32
N LYS A 19 -32.14 13.77 -11.03
CA LYS A 19 -32.71 13.76 -12.37
C LYS A 19 -31.98 14.89 -13.08
N GLY A 20 -31.57 14.67 -14.32
CA GLY A 20 -30.86 15.70 -15.07
C GLY A 20 -31.12 15.47 -16.53
N THR A 21 -30.47 16.25 -17.39
CA THR A 21 -30.65 16.09 -18.83
C THR A 21 -30.57 14.61 -19.25
N PHE A 22 -29.49 13.92 -18.89
CA PHE A 22 -29.21 12.60 -19.47
C PHE A 22 -29.94 11.40 -18.86
N GLY A 23 -30.56 11.60 -17.70
CA GLY A 23 -31.25 10.50 -17.04
C GLY A 23 -31.56 10.76 -15.58
N LYS A 24 -31.69 9.65 -14.83
CA LYS A 24 -31.96 9.70 -13.40
C LYS A 24 -31.08 8.73 -12.63
N VAL A 25 -31.07 8.88 -11.31
CA VAL A 25 -30.33 7.97 -10.45
C VAL A 25 -31.26 7.48 -9.34
N ILE A 26 -31.52 6.17 -9.34
CA ILE A 26 -32.45 5.57 -8.39
C ILE A 26 -31.71 4.75 -7.34
N LEU A 27 -32.07 4.92 -6.08
CA LEU A 27 -31.65 4.00 -5.04
C LEU A 27 -32.35 2.65 -5.26
N VAL A 28 -31.58 1.57 -5.32
CA VAL A 28 -32.15 0.26 -5.64
C VAL A 28 -31.79 -0.81 -4.61
N LYS A 29 -32.64 -1.83 -4.53
CA LYS A 29 -32.37 -3.07 -3.78
C LYS A 29 -32.15 -4.12 -4.83
N GLU A 30 -31.09 -4.91 -4.71
CA GLU A 30 -30.93 -6.04 -5.62
C GLU A 30 -31.67 -7.23 -5.01
N LYS A 31 -32.63 -7.80 -5.76
CA LYS A 31 -33.45 -8.94 -5.32
C LYS A 31 -32.65 -10.15 -4.80
N ALA A 32 -31.76 -10.67 -5.63
CA ALA A 32 -31.01 -11.89 -5.30
C ALA A 32 -30.15 -11.79 -4.05
N THR A 33 -29.77 -10.56 -3.66
CA THR A 33 -28.77 -10.35 -2.59
C THR A 33 -29.19 -9.45 -1.43
N GLY A 34 -30.16 -8.56 -1.65
CA GLY A 34 -30.59 -7.61 -0.61
C GLY A 34 -29.68 -6.40 -0.50
N ARG A 35 -28.66 -6.35 -1.36
CA ARG A 35 -27.73 -5.25 -1.32
C ARG A 35 -28.30 -4.07 -2.10
N TYR A 36 -28.24 -2.91 -1.44
CA TYR A 36 -28.63 -1.65 -2.03
C TYR A 36 -27.54 -1.04 -2.92
N TYR A 37 -27.94 -0.61 -4.11
CA TYR A 37 -27.01 -0.03 -5.06
C TYR A 37 -27.58 1.27 -5.60
N ALA A 38 -26.79 1.99 -6.41
CA ALA A 38 -27.24 3.24 -7.05
C ALA A 38 -27.26 3.03 -8.53
N MET A 39 -28.44 3.13 -9.14
CA MET A 39 -28.53 2.95 -10.57
C MET A 39 -28.65 4.26 -11.32
N LYS A 40 -27.61 4.54 -12.12
CA LYS A 40 -27.62 5.61 -13.09
C LYS A 40 -28.30 5.01 -14.30
N ILE A 41 -29.41 5.62 -14.72
CA ILE A 41 -30.19 5.14 -15.83
C ILE A 41 -30.23 6.23 -16.89
N LEU A 42 -29.50 5.99 -17.98
CA LEU A 42 -29.41 6.97 -19.05
C LEU A 42 -30.34 6.59 -20.17
N LYS A 43 -30.92 7.61 -20.81
CA LYS A 43 -31.84 7.41 -21.93
C LYS A 43 -31.00 7.39 -23.20
N LYS A 44 -30.86 6.22 -23.83
CA LYS A 44 -29.99 6.05 -25.03
C LYS A 44 -30.18 7.15 -26.07
N GLU A 45 -31.45 7.43 -26.41
CA GLU A 45 -31.86 8.55 -27.25
C GLU A 45 -30.98 9.79 -26.94
N VAL A 46 -31.04 10.28 -25.68
CA VAL A 46 -30.34 11.49 -25.22
C VAL A 46 -28.82 11.41 -25.41
N ILE A 47 -28.20 10.33 -24.92
CA ILE A 47 -26.76 10.11 -25.06
C ILE A 47 -26.28 10.27 -26.52
N VAL A 48 -26.93 9.55 -27.44
CA VAL A 48 -26.62 9.64 -28.87
C VAL A 48 -26.97 11.04 -29.39
N ALA A 49 -28.15 11.52 -29.02
CA ALA A 49 -28.61 12.81 -29.50
C ALA A 49 -27.76 13.98 -29.01
N LYS A 50 -27.39 13.97 -27.72
CA LYS A 50 -26.52 15.00 -27.11
C LYS A 50 -25.01 14.75 -27.30
N ASP A 51 -24.67 13.69 -28.04
CA ASP A 51 -23.27 13.41 -28.41
C ASP A 51 -22.43 12.89 -27.24
N GLU A 52 -23.11 12.29 -26.27
CA GLU A 52 -22.45 11.88 -25.06
C GLU A 52 -22.03 10.42 -25.11
N VAL A 53 -21.91 9.87 -26.32
CA VAL A 53 -21.63 8.46 -26.49
C VAL A 53 -20.22 8.14 -26.04
N ALA A 54 -19.25 8.88 -26.54
CA ALA A 54 -17.86 8.60 -26.23
C ALA A 54 -17.54 8.70 -24.73
N HIS A 55 -18.19 9.64 -24.05
CA HIS A 55 -17.96 9.85 -22.63
C HIS A 55 -18.52 8.71 -21.83
N THR A 56 -19.70 8.28 -22.22
CA THR A 56 -20.37 7.19 -21.58
C THR A 56 -19.53 5.92 -21.67
N LEU A 57 -18.87 5.69 -22.82
CA LEU A 57 -18.04 4.51 -22.98
C LEU A 57 -16.83 4.61 -22.07
N THR A 58 -16.21 5.79 -22.04
CA THR A 58 -15.05 6.09 -21.18
C THR A 58 -15.34 5.78 -19.70
N GLU A 59 -16.56 6.09 -19.25
CA GLU A 59 -16.94 5.85 -17.87
C GLU A 59 -17.06 4.36 -17.59
N ASN A 60 -17.54 3.62 -18.59
CA ASN A 60 -17.69 2.19 -18.46
C ASN A 60 -16.31 1.59 -18.31
N ARG A 61 -15.43 1.92 -19.25
CA ARG A 61 -14.06 1.43 -19.22
C ARG A 61 -13.24 1.81 -17.97
N VAL A 62 -13.34 3.08 -17.52
CA VAL A 62 -12.62 3.55 -16.34
C VAL A 62 -13.10 2.82 -15.07
N LEU A 63 -14.41 2.65 -14.91
CA LEU A 63 -14.96 1.99 -13.72
C LEU A 63 -14.65 0.49 -13.68
N GLN A 64 -14.74 -0.16 -14.85
CA GLN A 64 -14.35 -1.57 -15.11
C GLN A 64 -12.92 -1.93 -14.68
N ASN A 65 -11.93 -1.10 -15.02
CA ASN A 65 -10.61 -1.38 -14.49
C ASN A 65 -10.08 -0.28 -13.60
N SER A 66 -10.83 -0.07 -12.51
CA SER A 66 -10.33 0.57 -11.33
C SER A 66 -11.00 -0.13 -10.12
N ARG A 67 -10.19 -0.50 -9.14
CA ARG A 67 -10.75 -0.88 -7.84
C ARG A 67 -10.00 -0.08 -6.75
N HIS A 68 -10.72 0.82 -6.08
CA HIS A 68 -10.08 1.65 -5.09
C HIS A 68 -11.07 2.12 -4.02
N PRO A 69 -10.65 2.09 -2.73
CA PRO A 69 -11.43 2.56 -1.57
C PRO A 69 -12.29 3.81 -1.82
N PHE A 70 -11.75 4.76 -2.59
CA PHE A 70 -12.33 6.10 -2.72
C PHE A 70 -12.79 6.44 -4.13
N LEU A 71 -12.87 5.42 -4.98
CA LEU A 71 -13.53 5.58 -6.28
C LEU A 71 -14.76 4.71 -6.19
N THR A 72 -15.89 5.27 -6.57
CA THR A 72 -17.12 4.51 -6.75
C THR A 72 -16.90 3.21 -7.58
N ALA A 73 -17.16 2.07 -6.97
CA ALA A 73 -17.08 0.79 -7.72
C ALA A 73 -18.35 0.60 -8.54
N LEU A 74 -18.23 -0.25 -9.54
CA LEU A 74 -19.33 -0.57 -10.43
C LEU A 74 -19.56 -2.08 -10.36
N LYS A 75 -20.80 -2.48 -10.04
CA LYS A 75 -21.14 -3.88 -9.86
C LYS A 75 -21.52 -4.52 -11.20
N TYR A 76 -22.54 -3.97 -11.86
CA TYR A 76 -22.97 -4.45 -13.17
C TYR A 76 -23.17 -3.26 -14.06
N SER A 77 -23.16 -3.51 -15.37
CA SER A 77 -23.48 -2.51 -16.35
C SER A 77 -24.14 -3.20 -17.57
N PHE A 78 -25.36 -2.75 -17.92
CA PHE A 78 -26.21 -3.41 -18.93
C PHE A 78 -27.02 -2.46 -19.83
N GLN A 79 -27.88 -3.02 -20.70
CA GLN A 79 -28.72 -2.20 -21.63
C GLN A 79 -30.10 -2.76 -21.99
N THR A 80 -30.90 -1.91 -22.60
CA THR A 80 -32.25 -2.19 -23.10
C THR A 80 -32.40 -1.43 -24.43
N HIS A 81 -33.55 -1.61 -25.10
CA HIS A 81 -33.84 -0.86 -26.34
C HIS A 81 -33.69 0.66 -26.15
N ASP A 82 -34.18 1.15 -25.01
CA ASP A 82 -34.15 2.59 -24.71
C ASP A 82 -33.20 3.06 -23.56
N ARG A 83 -32.32 2.18 -23.03
CA ARG A 83 -31.60 2.49 -21.75
C ARG A 83 -30.16 1.95 -21.52
N LEU A 84 -29.31 2.77 -20.89
CA LEU A 84 -28.00 2.31 -20.38
C LEU A 84 -28.02 2.42 -18.86
N CYS A 85 -27.73 1.31 -18.20
CA CYS A 85 -27.74 1.27 -16.75
C CYS A 85 -26.38 0.97 -16.16
N PHE A 86 -26.01 1.77 -15.17
CA PHE A 86 -24.78 1.58 -14.44
C PHE A 86 -25.25 1.28 -13.02
N VAL A 87 -24.80 0.17 -12.45
CA VAL A 87 -25.27 -0.26 -11.12
C VAL A 87 -24.11 -0.22 -10.17
N MET A 88 -24.18 0.69 -9.20
CA MET A 88 -22.97 1.10 -8.47
C MET A 88 -23.14 1.22 -6.99
N GLU A 89 -22.03 1.21 -6.28
CA GLU A 89 -22.08 1.30 -4.81
C GLU A 89 -22.75 2.58 -4.39
N TYR A 90 -23.67 2.48 -3.45
CA TYR A 90 -24.46 3.62 -2.99
C TYR A 90 -23.65 4.47 -2.00
N ALA A 91 -23.50 5.76 -2.32
CA ALA A 91 -22.91 6.73 -1.39
C ALA A 91 -24.03 7.34 -0.55
N ASN A 92 -24.24 6.74 0.61
CA ASN A 92 -25.35 7.03 1.50
C ASN A 92 -25.24 8.48 1.99
N GLY A 93 -24.03 9.02 1.90
CA GLY A 93 -23.68 10.26 2.58
C GLY A 93 -23.96 11.47 1.73
N GLY A 94 -24.40 11.24 0.50
CA GLY A 94 -24.67 12.33 -0.44
C GLY A 94 -23.44 13.10 -0.88
N GLU A 95 -23.64 14.18 -1.62
CA GLU A 95 -22.52 14.98 -2.15
C GLU A 95 -21.90 15.87 -1.11
N LEU A 96 -20.59 16.08 -1.23
CA LEU A 96 -19.90 17.05 -0.38
C LEU A 96 -20.57 18.43 -0.53
N PHE A 97 -20.91 18.78 -1.76
CA PHE A 97 -21.74 19.96 -2.08
C PHE A 97 -22.96 20.13 -1.16
N PHE A 98 -23.60 19.02 -0.78
CA PHE A 98 -24.72 19.02 0.16
C PHE A 98 -24.26 19.50 1.52
N HIS A 99 -23.15 19.00 2.03
CA HIS A 99 -22.72 19.34 3.40
C HIS A 99 -22.11 20.73 3.58
N LEU A 100 -21.33 21.17 2.60
CA LEU A 100 -20.72 22.50 2.61
C LEU A 100 -21.80 23.57 2.60
N SER A 101 -22.71 23.45 1.61
CA SER A 101 -23.98 24.19 1.56
C SER A 101 -24.53 24.51 2.96
N ARG A 102 -24.42 23.57 3.90
CA ARG A 102 -25.07 23.69 5.19
C ARG A 102 -24.15 24.02 6.37
N GLU A 103 -22.83 23.84 6.22
CA GLU A 103 -21.87 24.06 7.31
C GLU A 103 -21.00 25.29 7.02
N ARG A 104 -21.02 25.75 5.78
CA ARG A 104 -20.20 26.87 5.30
C ARG A 104 -18.72 26.52 5.00
N VAL A 105 -18.05 26.00 6.00
CA VAL A 105 -16.62 25.79 5.99
C VAL A 105 -16.41 24.47 6.76
N PHE A 106 -15.31 23.77 6.48
CA PHE A 106 -14.92 22.60 7.25
C PHE A 106 -13.69 23.02 8.01
N SER A 107 -13.42 22.34 9.11
CA SER A 107 -12.17 22.56 9.82
C SER A 107 -11.00 22.09 8.95
N GLU A 108 -9.79 22.51 9.28
CA GLU A 108 -8.64 22.02 8.56
C GLU A 108 -8.49 20.50 8.66
N ASP A 109 -8.53 19.99 9.88
CA ASP A 109 -8.55 18.52 10.08
C ASP A 109 -9.52 17.75 9.18
N ARG A 110 -10.73 18.25 9.05
CA ARG A 110 -11.73 17.57 8.26
C ARG A 110 -11.41 17.70 6.76
N ALA A 111 -10.90 18.85 6.37
CA ALA A 111 -10.45 19.05 5.01
C ALA A 111 -9.17 18.23 4.70
N ARG A 112 -8.28 18.11 5.70
CA ARG A 112 -7.09 17.26 5.57
C ARG A 112 -7.49 15.82 5.27
N PHE A 113 -8.48 15.32 6.00
CA PHE A 113 -8.92 13.95 5.85
C PHE A 113 -9.51 13.71 4.46
N TYR A 114 -10.38 14.59 3.98
CA TYR A 114 -10.98 14.37 2.69
C TYR A 114 -9.95 14.50 1.59
N GLY A 115 -9.01 15.42 1.77
CA GLY A 115 -7.94 15.61 0.83
C GLY A 115 -6.92 14.48 0.76
N ALA A 116 -6.61 13.83 1.87
CA ALA A 116 -5.74 12.64 1.80
C ALA A 116 -6.41 11.55 0.95
N GLU A 117 -7.71 11.37 1.13
CA GLU A 117 -8.41 10.31 0.39
C GLU A 117 -8.54 10.60 -1.08
N ILE A 118 -8.66 11.89 -1.42
CA ILE A 118 -8.68 12.27 -2.80
C ILE A 118 -7.26 12.08 -3.34
N VAL A 119 -6.26 12.45 -2.57
CA VAL A 119 -4.91 12.31 -3.08
C VAL A 119 -4.60 10.84 -3.34
N SER A 120 -5.02 9.95 -2.43
CA SER A 120 -4.83 8.53 -2.64
C SER A 120 -5.49 8.04 -3.93
N ALA A 121 -6.74 8.49 -4.17
CA ALA A 121 -7.50 8.04 -5.35
C ALA A 121 -6.92 8.55 -6.63
N LEU A 122 -6.45 9.81 -6.65
CA LEU A 122 -5.99 10.43 -7.90
C LEU A 122 -4.62 9.88 -8.25
N ASP A 123 -3.88 9.51 -7.20
CA ASP A 123 -2.59 8.86 -7.38
C ASP A 123 -2.70 7.47 -8.01
N TYR A 124 -3.63 6.66 -7.51
CA TYR A 124 -3.89 5.36 -8.11
C TYR A 124 -4.26 5.50 -9.57
N LEU A 125 -5.19 6.40 -9.89
CA LEU A 125 -5.58 6.65 -11.28
C LEU A 125 -4.40 7.13 -12.15
N HIS A 126 -3.51 7.95 -11.60
CA HIS A 126 -2.43 8.48 -12.42
C HIS A 126 -1.37 7.40 -12.65
N SER A 127 -0.79 6.90 -11.57
CA SER A 127 0.33 5.98 -11.58
C SER A 127 0.02 4.51 -11.94
N GLU A 128 -1.19 4.05 -11.65
CA GLU A 128 -1.52 2.64 -11.85
C GLU A 128 -2.40 2.41 -13.07
N LYS A 129 -3.29 3.35 -13.37
CA LYS A 129 -4.24 3.24 -14.46
C LYS A 129 -3.97 4.17 -15.65
N ASN A 130 -2.98 5.05 -15.50
CA ASN A 130 -2.70 6.08 -16.51
C ASN A 130 -3.96 6.84 -16.94
N VAL A 131 -4.70 7.38 -15.96
CA VAL A 131 -5.94 8.10 -16.20
C VAL A 131 -5.79 9.48 -15.62
N VAL A 132 -6.35 10.47 -16.28
CA VAL A 132 -6.42 11.78 -15.70
C VAL A 132 -7.90 12.03 -15.54
N TYR A 133 -8.33 12.39 -14.35
CA TYR A 133 -9.75 12.51 -14.03
C TYR A 133 -10.44 13.71 -14.70
N ARG A 134 -9.80 14.86 -14.55
CA ARG A 134 -10.23 16.14 -15.16
C ARG A 134 -11.50 16.86 -14.69
N ASP A 135 -12.31 16.25 -13.83
CA ASP A 135 -13.57 16.87 -13.42
C ASP A 135 -13.74 16.94 -11.91
N LEU A 136 -12.70 17.32 -11.17
CA LEU A 136 -12.77 17.30 -9.73
C LEU A 136 -13.56 18.48 -9.30
N LYS A 137 -14.66 18.25 -8.60
CA LYS A 137 -15.49 19.35 -8.11
C LYS A 137 -16.26 18.84 -6.92
N LEU A 138 -16.86 19.73 -6.12
CA LEU A 138 -17.60 19.24 -4.93
C LEU A 138 -18.72 18.30 -5.32
N GLU A 139 -19.37 18.58 -6.45
CA GLU A 139 -20.53 17.79 -6.86
C GLU A 139 -20.10 16.35 -7.03
N ASN A 140 -18.83 16.14 -7.41
CA ASN A 140 -18.33 14.82 -7.80
C ASN A 140 -17.68 14.05 -6.68
N LEU A 141 -17.81 14.55 -5.46
CA LEU A 141 -17.23 13.91 -4.27
C LEU A 141 -18.30 13.59 -3.26
N MET A 142 -18.51 12.31 -3.03
CA MET A 142 -19.60 11.84 -2.23
C MET A 142 -19.04 11.19 -0.98
N LEU A 143 -19.93 10.91 -0.03
CA LEU A 143 -19.55 10.20 1.19
C LEU A 143 -20.24 8.83 1.27
N ASP A 144 -19.54 7.81 1.75
CA ASP A 144 -20.20 6.53 1.95
C ASP A 144 -20.69 6.40 3.38
N LYS A 145 -21.34 5.28 3.70
CA LYS A 145 -22.00 5.11 5.00
C LYS A 145 -21.06 5.50 6.12
N ASP A 146 -19.76 5.21 5.97
CA ASP A 146 -18.78 5.48 7.03
C ASP A 146 -18.24 6.91 7.02
N GLY A 147 -18.43 7.61 5.90
CA GLY A 147 -17.91 8.97 5.77
C GLY A 147 -16.56 9.05 5.10
N HIS A 148 -16.23 8.04 4.28
CA HIS A 148 -15.09 8.06 3.38
C HIS A 148 -15.54 8.67 2.06
N ILE A 149 -14.58 9.32 1.40
CA ILE A 149 -14.78 10.00 0.15
C ILE A 149 -15.05 8.97 -0.94
N LYS A 150 -15.94 9.32 -1.86
CA LYS A 150 -16.15 8.54 -3.07
C LYS A 150 -16.19 9.48 -4.28
N ILE A 151 -15.21 9.33 -5.19
CA ILE A 151 -15.24 10.09 -6.41
C ILE A 151 -16.17 9.38 -7.38
N THR A 152 -17.11 10.13 -7.92
CA THR A 152 -18.09 9.60 -8.85
C THR A 152 -17.96 10.33 -10.19
N ASP A 153 -18.47 9.72 -11.26
CA ASP A 153 -18.65 10.40 -12.56
C ASP A 153 -17.38 10.54 -13.41
N PHE A 154 -17.05 9.48 -14.15
CA PHE A 154 -15.74 9.38 -14.78
C PHE A 154 -15.70 9.63 -16.30
N GLY A 155 -16.85 9.99 -16.89
CA GLY A 155 -16.99 10.27 -18.31
C GLY A 155 -16.08 11.30 -18.97
N LEU A 156 -15.55 12.25 -18.20
CA LEU A 156 -14.52 13.16 -18.73
C LEU A 156 -13.06 12.72 -18.56
N CYS A 157 -12.81 11.51 -18.02
CA CYS A 157 -11.42 10.98 -17.90
C CYS A 157 -10.67 10.87 -19.22
N LYS A 158 -9.37 11.08 -19.21
CA LYS A 158 -8.57 10.74 -20.37
C LYS A 158 -7.78 9.51 -19.98
N GLU A 159 -7.71 8.54 -20.90
CA GLU A 159 -7.03 7.25 -20.69
C GLU A 159 -5.67 7.20 -21.37
N GLY A 160 -4.86 6.21 -20.98
CA GLY A 160 -3.53 6.03 -21.51
C GLY A 160 -2.68 7.26 -21.42
N ILE A 161 -2.91 8.06 -20.39
CA ILE A 161 -2.01 9.17 -20.06
C ILE A 161 -0.89 8.73 -19.09
N LYS A 162 0.29 8.50 -19.67
CA LYS A 162 1.51 8.19 -18.92
C LYS A 162 2.21 9.50 -18.66
N ASP A 163 3.21 9.45 -17.78
CA ASP A 163 3.97 10.63 -17.36
C ASP A 163 3.53 11.97 -18.00
N GLY A 164 4.44 12.65 -18.67
CA GLY A 164 4.14 14.00 -19.16
C GLY A 164 3.35 14.06 -20.44
N ALA A 165 2.71 12.97 -20.83
CA ALA A 165 1.82 13.03 -21.99
C ALA A 165 0.76 14.15 -21.79
N THR A 166 0.32 14.77 -22.89
CA THR A 166 -0.56 15.93 -22.82
C THR A 166 -1.79 15.79 -23.73
N MET A 167 -2.85 16.54 -23.40
CA MET A 167 -4.19 16.43 -23.98
C MET A 167 -4.55 17.81 -24.53
N LYS A 168 -5.62 17.87 -25.33
CA LYS A 168 -6.10 19.12 -25.93
C LYS A 168 -7.55 19.48 -25.57
N PHE A 170 -11.02 20.70 -24.39
CA PHE A 170 -11.69 21.67 -23.53
C PHE A 170 -12.89 21.03 -22.88
N CYS A 171 -12.72 20.67 -21.60
CA CYS A 171 -13.75 20.03 -20.80
C CYS A 171 -13.50 20.23 -19.30
N GLY A 172 -14.60 20.12 -18.56
CA GLY A 172 -14.61 20.11 -17.10
C GLY A 172 -15.82 20.87 -16.63
N THR A 173 -15.66 21.62 -15.55
CA THR A 173 -16.68 22.55 -15.10
C THR A 173 -16.05 23.90 -15.00
N PRO A 174 -16.69 24.91 -15.59
CA PRO A 174 -16.05 26.22 -15.68
C PRO A 174 -15.32 26.75 -14.42
N GLU A 175 -15.99 26.69 -13.28
CA GLU A 175 -15.43 27.25 -12.04
C GLU A 175 -14.14 26.56 -11.58
N TYR A 176 -13.85 25.42 -12.20
CA TYR A 176 -12.80 24.53 -11.72
C TYR A 176 -11.66 24.37 -12.73
N LEU A 177 -11.77 25.01 -13.89
CA LEU A 177 -10.81 24.80 -14.94
C LEU A 177 -9.43 25.37 -14.59
N ALA A 178 -8.40 24.65 -14.97
CA ALA A 178 -7.05 25.04 -14.65
C ALA A 178 -6.62 26.13 -15.62
N PRO A 179 -5.72 27.02 -15.16
CA PRO A 179 -5.29 28.02 -16.07
C PRO A 179 -4.79 27.41 -17.39
N GLU A 180 -4.08 26.27 -17.38
CA GLU A 180 -3.50 25.80 -18.66
C GLU A 180 -4.57 25.31 -19.59
N VAL A 181 -5.71 24.90 -19.04
CA VAL A 181 -6.85 24.43 -19.86
C VAL A 181 -7.56 25.62 -20.48
N LEU A 182 -7.60 26.70 -19.73
CA LEU A 182 -8.15 27.97 -20.19
C LEU A 182 -7.29 28.64 -21.26
N GLU A 183 -5.96 28.50 -21.17
CA GLU A 183 -5.03 29.06 -22.16
C GLU A 183 -5.20 28.37 -23.49
N ASP A 184 -5.91 27.24 -23.49
CA ASP A 184 -6.03 26.40 -24.67
C ASP A 184 -4.70 25.82 -25.14
N ASN A 185 -3.72 25.85 -24.25
CA ASN A 185 -2.50 25.00 -24.32
C ASN A 185 -2.77 23.49 -24.27
N ASP A 186 -1.83 22.72 -24.77
CA ASP A 186 -1.69 21.32 -24.34
C ASP A 186 -1.62 21.30 -22.82
N TYR A 187 -2.04 20.21 -22.19
CA TYR A 187 -1.96 20.15 -20.71
C TYR A 187 -1.70 18.75 -20.22
N GLY A 188 -1.15 18.61 -19.03
CA GLY A 188 -0.83 17.30 -18.49
C GLY A 188 -1.70 16.90 -17.30
N ARG A 189 -1.26 15.86 -16.58
CA ARG A 189 -2.01 15.35 -15.44
C ARG A 189 -2.08 16.30 -14.24
N ALA A 190 -1.25 17.35 -14.20
CA ALA A 190 -1.30 18.35 -13.11
C ALA A 190 -2.63 19.07 -13.02
N VAL A 191 -3.49 18.94 -14.03
CA VAL A 191 -4.78 19.62 -13.96
C VAL A 191 -5.58 19.08 -12.77
N ASP A 192 -5.46 17.79 -12.50
CA ASP A 192 -6.11 17.23 -11.32
C ASP A 192 -5.69 17.89 -10.02
N TRP A 193 -4.49 18.49 -9.95
CA TRP A 193 -4.02 19.04 -8.71
C TRP A 193 -4.54 20.43 -8.54
N TRP A 194 -4.70 21.12 -9.66
CA TRP A 194 -5.31 22.42 -9.63
C TRP A 194 -6.71 22.24 -9.00
N GLY A 195 -7.44 21.20 -9.49
CA GLY A 195 -8.75 20.79 -9.01
C GLY A 195 -8.77 20.46 -7.53
N LEU A 196 -7.81 19.68 -7.07
CA LEU A 196 -7.72 19.35 -5.68
C LEU A 196 -7.53 20.65 -4.90
N GLY A 197 -6.71 21.53 -5.45
CA GLY A 197 -6.61 22.84 -4.89
C GLY A 197 -7.95 23.51 -4.70
N VAL A 198 -8.79 23.51 -5.74
CA VAL A 198 -10.06 24.21 -5.70
C VAL A 198 -11.00 23.61 -4.67
N VAL A 199 -11.23 22.28 -4.73
CA VAL A 199 -12.16 21.65 -3.76
C VAL A 199 -11.66 21.85 -2.31
N MET A 200 -10.33 21.77 -2.13
CA MET A 200 -9.77 21.90 -0.80
C MET A 200 -9.86 23.35 -0.35
N TYR A 201 -9.77 24.27 -1.33
CA TYR A 201 -9.97 25.69 -1.08
C TYR A 201 -11.41 25.97 -0.56
N GLU A 202 -12.39 25.33 -1.20
CA GLU A 202 -13.80 25.50 -0.88
C GLU A 202 -14.08 24.88 0.44
N MET A 203 -13.44 23.75 0.71
CA MET A 203 -13.63 23.09 2.01
C MET A 203 -13.12 23.93 3.15
N MET A 204 -12.02 24.64 2.99
CA MET A 204 -11.45 25.38 4.12
C MET A 204 -11.87 26.81 4.14
N CYS A 205 -12.26 27.32 2.98
CA CYS A 205 -12.57 28.74 2.87
C CYS A 205 -14.04 29.09 2.69
N GLY A 206 -14.86 28.11 2.34
CA GLY A 206 -16.31 28.29 2.18
C GLY A 206 -16.81 29.01 0.93
N ARG A 207 -15.85 29.36 0.05
CA ARG A 207 -16.14 29.94 -1.27
C ARG A 207 -15.14 29.38 -2.29
N LEU A 208 -15.40 29.55 -3.56
CA LEU A 208 -14.46 29.21 -4.64
C LEU A 208 -13.27 30.23 -4.67
N PRO A 209 -12.09 29.81 -5.16
CA PRO A 209 -11.06 30.81 -5.07
C PRO A 209 -11.17 31.87 -6.17
N PHE A 210 -11.94 31.60 -7.21
CA PHE A 210 -12.22 32.54 -8.29
C PHE A 210 -13.66 32.43 -8.74
N TYR A 211 -14.33 33.56 -8.78
CA TYR A 211 -15.74 33.57 -9.13
C TYR A 211 -16.29 34.85 -9.74
N ASN A 212 -16.94 34.69 -10.91
CA ASN A 212 -17.84 35.68 -11.50
C ASN A 212 -18.96 34.88 -12.14
N GLN A 213 -20.11 35.49 -12.41
CA GLN A 213 -21.20 34.70 -12.99
C GLN A 213 -20.96 34.49 -14.50
N ASP A 214 -20.31 35.50 -15.10
CA ASP A 214 -19.87 35.50 -16.48
C ASP A 214 -18.57 34.69 -16.67
N HIS A 215 -18.73 33.55 -17.34
CA HIS A 215 -17.64 32.66 -17.71
C HIS A 215 -16.36 33.39 -18.16
N GLU A 216 -16.48 34.38 -19.05
CA GLU A 216 -15.28 35.06 -19.56
C GLU A 216 -14.58 35.90 -18.49
N LYS A 217 -15.37 36.44 -17.56
CA LYS A 217 -14.81 37.22 -16.46
C LYS A 217 -14.19 36.27 -15.43
N LEU A 218 -14.89 35.17 -15.16
CA LEU A 218 -14.40 34.07 -14.34
C LEU A 218 -13.07 33.53 -14.87
N PHE A 219 -13.02 33.25 -16.16
CA PHE A 219 -11.79 32.81 -16.83
C PHE A 219 -10.63 33.83 -16.68
N GLU A 220 -10.89 35.14 -16.80
CA GLU A 220 -9.83 36.14 -16.55
C GLU A 220 -9.26 36.01 -15.13
N LEU A 221 -10.15 35.85 -14.14
CA LEU A 221 -9.74 35.74 -12.75
C LEU A 221 -8.81 34.54 -12.61
N ILE A 222 -9.26 33.39 -13.13
CA ILE A 222 -8.49 32.19 -13.08
C ILE A 222 -7.09 32.37 -13.73
N LEU A 223 -7.03 33.13 -14.82
CA LEU A 223 -5.77 33.29 -15.53
C LEU A 223 -4.89 34.36 -14.87
N MET A 224 -5.49 35.44 -14.34
CA MET A 224 -4.78 36.68 -13.90
C MET A 224 -4.69 36.99 -12.39
N GLU A 225 -5.72 36.65 -11.61
CA GLU A 225 -5.74 37.08 -10.21
C GLU A 225 -4.89 36.08 -9.37
N GLU A 226 -3.93 36.56 -8.59
CA GLU A 226 -3.25 35.68 -7.63
C GLU A 226 -4.15 35.42 -6.39
N ILE A 227 -4.11 34.20 -5.85
CA ILE A 227 -5.03 33.81 -4.79
C ILE A 227 -4.89 34.63 -3.52
N ARG A 228 -5.96 34.65 -2.74
CA ARG A 228 -5.91 35.27 -1.46
C ARG A 228 -6.69 34.35 -0.53
N PHE A 229 -6.36 34.39 0.76
CA PHE A 229 -6.94 33.46 1.68
C PHE A 229 -7.60 34.21 2.81
N PRO A 230 -8.63 33.62 3.43
CA PRO A 230 -9.08 34.16 4.72
C PRO A 230 -7.92 34.30 5.70
N ARG A 231 -7.91 35.38 6.49
CA ARG A 231 -6.79 35.66 7.38
C ARG A 231 -6.67 34.68 8.54
N THR A 232 -7.66 33.79 8.71
CA THR A 232 -7.63 32.74 9.75
C THR A 232 -7.02 31.44 9.29
N LEU A 233 -6.72 31.34 8.01
CA LEU A 233 -6.20 30.10 7.48
C LEU A 233 -4.76 29.95 7.95
N GLY A 234 -4.41 28.74 8.41
CA GLY A 234 -3.09 28.47 8.96
C GLY A 234 -2.02 28.41 7.88
N PRO A 235 -0.74 28.60 8.25
CA PRO A 235 0.27 28.70 7.18
C PRO A 235 0.46 27.39 6.36
N GLU A 236 0.38 26.22 6.98
CA GLU A 236 0.58 24.99 6.18
C GLU A 236 -0.53 24.78 5.18
N ALA A 237 -1.76 25.12 5.58
CA ALA A 237 -2.95 25.06 4.72
C ALA A 237 -2.78 26.02 3.57
N LYS A 238 -2.26 27.20 3.90
CA LYS A 238 -2.06 28.30 2.96
C LYS A 238 -0.98 28.00 1.92
N SER A 239 0.03 27.25 2.34
CA SER A 239 1.15 26.85 1.49
C SER A 239 0.69 25.72 0.58
N LEU A 240 0.02 24.73 1.13
CA LEU A 240 -0.58 23.73 0.28
C LEU A 240 -1.44 24.38 -0.83
N LEU A 241 -2.43 25.20 -0.46
CA LEU A 241 -3.30 25.79 -1.48
C LEU A 241 -2.55 26.67 -2.47
N SER A 242 -1.50 27.34 -2.02
CA SER A 242 -0.72 28.14 -2.94
C SER A 242 -0.05 27.27 -3.95
N GLY A 243 0.43 26.11 -3.52
CA GLY A 243 1.23 25.28 -4.37
C GLY A 243 0.37 24.57 -5.37
N LEU A 244 -0.82 24.14 -4.93
CA LEU A 244 -1.78 23.47 -5.80
C LEU A 244 -2.41 24.44 -6.81
N LEU A 245 -2.46 25.73 -6.49
CA LEU A 245 -3.13 26.72 -7.31
C LEU A 245 -2.13 27.63 -8.07
N LYS A 246 -0.92 27.12 -8.29
CA LYS A 246 0.02 27.83 -9.15
C LYS A 246 -0.60 27.75 -10.53
N LYS A 247 -0.63 28.88 -11.22
CA LYS A 247 -1.17 28.93 -12.58
C LYS A 247 -0.27 28.17 -13.58
N ASP A 248 1.02 28.28 -13.40
CA ASP A 248 1.95 27.50 -14.19
C ASP A 248 1.97 26.06 -13.71
N PRO A 249 1.51 25.14 -14.54
CA PRO A 249 1.52 23.72 -14.15
C PRO A 249 2.92 23.16 -13.79
N LYS A 250 3.97 23.63 -14.46
CA LYS A 250 5.31 23.15 -14.12
C LYS A 250 5.75 23.60 -12.72
N GLN A 251 5.04 24.55 -12.14
CA GLN A 251 5.33 24.99 -10.76
C GLN A 251 4.35 24.45 -9.74
N ARG A 252 3.27 23.87 -10.23
CA ARG A 252 2.25 23.37 -9.37
C ARG A 252 2.84 22.24 -8.50
N LEU A 253 2.47 22.22 -7.23
CA LEU A 253 2.72 21.08 -6.39
C LEU A 253 2.00 19.92 -7.06
N GLY A 254 2.73 18.83 -7.28
CA GLY A 254 2.19 17.68 -7.98
C GLY A 254 2.48 17.76 -9.47
N GLY A 255 3.14 18.84 -9.89
CA GLY A 255 3.38 19.06 -11.31
C GLY A 255 4.60 18.38 -11.91
N GLY A 256 5.49 17.87 -11.08
CA GLY A 256 6.69 17.28 -11.62
C GLY A 256 6.46 15.83 -12.00
N SER A 257 7.56 15.09 -12.12
CA SER A 257 7.56 13.64 -12.31
C SER A 257 7.15 12.94 -11.02
N GLU A 258 7.27 13.65 -9.90
CA GLU A 258 6.93 13.04 -8.63
C GLU A 258 5.40 12.83 -8.52
N ASP A 259 4.63 13.71 -9.17
CA ASP A 259 3.15 13.68 -9.20
C ASP A 259 2.60 13.82 -7.79
N ALA A 260 1.58 13.01 -7.48
CA ALA A 260 0.95 12.89 -6.15
C ALA A 260 1.94 12.90 -5.01
N LYS A 261 3.09 12.26 -5.24
CA LYS A 261 4.12 12.01 -4.23
C LYS A 261 4.57 13.34 -3.70
N GLU A 262 4.50 14.37 -4.53
CA GLU A 262 4.92 15.70 -4.12
C GLU A 262 3.94 16.31 -3.12
N ILE A 263 2.68 15.96 -3.24
CA ILE A 263 1.67 16.49 -2.36
C ILE A 263 1.64 15.65 -1.06
N MET A 264 1.99 14.38 -1.18
CA MET A 264 1.89 13.50 -0.03
C MET A 264 2.89 13.93 1.03
N GLN A 265 3.99 14.51 0.57
CA GLN A 265 5.12 14.97 1.38
C GLN A 265 4.99 16.37 1.97
N HIS A 266 3.92 17.07 1.65
CA HIS A 266 3.75 18.43 2.09
C HIS A 266 3.46 18.52 3.61
N ARG A 267 4.00 19.55 4.27
CA ARG A 267 3.80 19.69 5.73
C ARG A 267 2.33 19.67 6.15
N PHE A 268 1.45 20.19 5.31
CA PHE A 268 0.01 20.10 5.60
C PHE A 268 -0.35 18.65 5.95
N PHE A 269 0.19 17.66 5.24
CA PHE A 269 -0.11 16.25 5.53
C PHE A 269 0.87 15.56 6.51
N ALA A 270 1.68 16.33 7.24
CA ALA A 270 2.65 15.71 8.22
C ALA A 270 2.14 14.49 9.03
N GLY A 271 1.02 14.60 9.71
CA GLY A 271 0.57 13.43 10.47
C GLY A 271 0.27 12.13 9.72
N ILE A 272 -0.01 12.23 8.41
CA ILE A 272 -0.71 11.19 7.67
C ILE A 272 0.18 10.01 7.29
N VAL A 273 -0.35 8.80 7.47
CA VAL A 273 0.28 7.58 7.01
C VAL A 273 -0.52 7.12 5.80
N TRP A 274 0.00 7.41 4.62
CA TRP A 274 -0.68 7.11 3.38
C TRP A 274 -1.20 5.68 3.23
N GLN A 275 -0.51 4.71 3.85
CA GLN A 275 -0.98 3.34 3.79
C GLN A 275 -2.23 3.10 4.63
N HIS A 276 -2.38 3.86 5.73
CA HIS A 276 -3.59 3.82 6.58
C HIS A 276 -4.77 4.51 5.89
N VAL A 277 -4.48 5.56 5.12
CA VAL A 277 -5.47 6.25 4.30
C VAL A 277 -6.15 5.24 3.39
N TYR A 278 -5.34 4.55 2.61
CA TYR A 278 -5.80 3.55 1.69
C TYR A 278 -6.55 2.44 2.41
N GLU A 279 -6.04 2.03 3.58
CA GLU A 279 -6.65 0.93 4.33
C GLU A 279 -7.80 1.39 5.23
N LYS A 280 -8.28 2.63 5.06
CA LYS A 280 -9.37 3.18 5.87
C LYS A 280 -9.14 3.02 7.38
N LYS A 281 -7.88 3.15 7.82
CA LYS A 281 -7.60 3.10 9.26
C LYS A 281 -7.69 4.47 9.97
N LEU A 282 -8.23 5.49 9.30
CA LEU A 282 -8.30 6.81 9.93
C LEU A 282 -9.72 7.24 10.33
N SER A 283 -9.82 7.94 11.46
CA SER A 283 -11.09 8.37 12.01
C SER A 283 -11.83 9.36 11.11
N PRO A 284 -12.87 8.90 10.37
CA PRO A 284 -13.56 9.87 9.56
C PRO A 284 -14.15 10.90 10.50
N PRO A 285 -14.16 12.16 10.10
CA PRO A 285 -14.66 13.21 10.98
C PRO A 285 -16.19 13.38 10.96
N PHE A 286 -16.90 12.54 10.19
CA PHE A 286 -18.34 12.66 10.04
C PHE A 286 -18.93 11.38 9.52
N LYS A 287 -19.69 10.68 10.36
CA LYS A 287 -20.44 9.50 9.90
C LYS A 287 -21.84 9.97 9.54
N PRO A 288 -22.27 9.77 8.28
CA PRO A 288 -23.64 10.09 7.92
C PRO A 288 -24.61 9.46 8.91
N GLN A 289 -25.59 10.23 9.38
CA GLN A 289 -26.51 9.70 10.39
C GLN A 289 -27.80 9.27 9.71
N VAL A 290 -27.81 8.03 9.25
CA VAL A 290 -29.02 7.45 8.68
C VAL A 290 -29.71 6.48 9.66
N THR A 291 -31.01 6.65 9.81
CA THR A 291 -31.82 5.75 10.64
C THR A 291 -31.69 4.32 10.10
N SER A 292 -31.83 4.15 8.78
CA SER A 292 -31.81 2.83 8.12
C SER A 292 -30.83 2.66 6.93
N GLU A 293 -31.39 2.51 5.73
CA GLU A 293 -30.65 2.15 4.51
C GLU A 293 -31.31 2.84 3.31
N THR A 294 -32.62 3.07 3.38
CA THR A 294 -33.28 3.90 2.37
C THR A 294 -33.54 5.31 2.90
N ASP A 295 -32.90 5.64 4.03
CA ASP A 295 -32.74 7.02 4.49
C ASP A 295 -32.01 7.77 3.37
N THR A 296 -32.63 8.84 2.87
CA THR A 296 -32.03 9.69 1.85
C THR A 296 -32.06 11.16 2.28
N ARG A 297 -31.68 11.40 3.55
CA ARG A 297 -31.46 12.72 4.14
C ARG A 297 -30.63 13.63 3.26
N TYR A 298 -29.52 13.07 2.76
CA TYR A 298 -28.42 13.84 2.20
C TYR A 298 -28.56 13.93 0.70
N PHE A 299 -29.78 13.75 0.25
CA PHE A 299 -30.15 13.93 -1.14
C PHE A 299 -31.35 14.85 -1.16
N ASP A 300 -31.45 15.68 -2.21
CA ASP A 300 -32.43 16.77 -2.24
C ASP A 300 -33.88 16.27 -2.27
N GLU A 301 -34.70 16.88 -1.41
CA GLU A 301 -36.13 16.59 -1.35
C GLU A 301 -36.81 16.78 -2.72
N GLU A 302 -36.32 17.73 -3.51
CA GLU A 302 -36.82 17.93 -4.86
C GLU A 302 -36.88 16.60 -5.60
N PHE A 303 -35.99 15.68 -5.22
CA PHE A 303 -35.84 14.39 -5.89
C PHE A 303 -36.40 13.22 -5.08
N THR A 304 -36.04 13.17 -3.80
CA THR A 304 -36.34 12.01 -2.96
C THR A 304 -37.83 11.79 -2.74
N ALA A 305 -38.59 12.89 -2.77
CA ALA A 305 -40.05 12.84 -2.71
C ALA A 305 -40.71 12.78 -4.09
N GLN A 306 -40.35 11.78 -4.90
CA GLN A 306 -41.02 11.53 -6.19
C GLN A 306 -41.39 10.05 -6.39
N MET A 307 -42.24 9.79 -7.39
CA MET A 307 -42.62 8.43 -7.77
C MET A 307 -41.94 8.10 -9.10
N ILE A 308 -41.45 6.88 -9.27
CA ILE A 308 -40.64 6.53 -10.46
C ILE A 308 -41.51 6.00 -11.63
N THR A 309 -40.97 6.07 -12.87
CA THR A 309 -41.66 5.64 -14.12
C THR A 309 -42.66 4.49 -13.93
N ARG A 327 -31.16 5.26 -30.27
CA ARG A 327 -31.50 3.91 -29.74
C ARG A 327 -30.69 2.71 -30.32
N PRO A 328 -29.37 2.83 -30.49
CA PRO A 328 -28.65 1.68 -31.04
C PRO A 328 -28.13 0.72 -29.96
N HIS A 329 -27.54 -0.39 -30.38
CA HIS A 329 -26.91 -1.29 -29.45
C HIS A 329 -25.49 -0.75 -29.17
N PHE A 330 -24.99 -0.95 -27.95
CA PHE A 330 -23.64 -0.56 -27.65
C PHE A 330 -22.78 -1.80 -27.55
N PRO A 331 -21.90 -2.02 -28.55
CA PRO A 331 -20.93 -3.11 -28.50
C PRO A 331 -20.22 -3.20 -27.15
N GLN A 332 -20.14 -4.42 -26.61
CA GLN A 332 -19.41 -4.71 -25.36
C GLN A 332 -19.64 -3.77 -24.15
N PHE A 333 -20.77 -3.07 -24.12
CA PHE A 333 -21.17 -2.26 -22.96
C PHE A 333 -21.36 -3.09 -21.70
N ASP A 334 -22.03 -4.23 -21.86
CA ASP A 334 -22.43 -5.10 -20.75
C ASP A 334 -21.23 -5.61 -19.96
N TYR A 335 -21.38 -5.65 -18.64
CA TYR A 335 -20.28 -6.01 -17.76
C TYR A 335 -20.79 -6.41 -16.42
N SER A 336 -20.17 -7.44 -15.83
CA SER A 336 -20.47 -7.79 -14.43
C SER A 336 -19.15 -7.82 -13.65
N ALA A 337 -19.21 -7.45 -12.37
CA ALA A 337 -18.00 -7.40 -11.54
C ALA A 337 -17.52 -8.79 -11.14
N SER A 338 -16.31 -9.14 -11.57
CA SER A 338 -15.64 -10.40 -11.16
C SER A 338 -15.78 -10.66 -9.65
N SER A 339 -15.79 -11.94 -9.28
CA SER A 339 -15.97 -12.38 -7.89
C SER A 339 -14.66 -12.37 -7.04
N ARG B 5 9.24 -38.89 1.05
CA ARG B 5 7.92 -38.66 0.37
C ARG B 5 6.84 -38.35 1.41
N VAL B 6 6.11 -37.23 1.19
CA VAL B 6 4.88 -36.87 1.94
C VAL B 6 3.92 -36.05 1.07
N THR B 7 2.68 -35.94 1.54
CA THR B 7 1.64 -35.13 0.88
C THR B 7 0.89 -34.37 1.94
N MET B 8 -0.17 -33.68 1.53
CA MET B 8 -1.00 -32.87 2.43
C MET B 8 -1.68 -33.72 3.50
N ASN B 9 -1.97 -34.97 3.14
CA ASN B 9 -2.80 -35.88 3.96
C ASN B 9 -2.15 -36.33 5.28
N GLU B 10 -0.83 -36.20 5.37
CA GLU B 10 -0.06 -36.56 6.57
C GLU B 10 -0.19 -35.55 7.72
N PHE B 11 -0.94 -34.47 7.48
CA PHE B 11 -0.92 -33.30 8.36
C PHE B 11 -2.30 -32.82 8.78
N GLU B 12 -2.42 -32.40 10.05
CA GLU B 12 -3.54 -31.57 10.52
C GLU B 12 -3.22 -30.07 10.32
N TYR B 13 -4.26 -29.23 10.22
CA TYR B 13 -4.08 -27.81 9.94
C TYR B 13 -4.85 -27.02 10.97
N LEU B 14 -4.14 -26.49 11.97
CA LEU B 14 -4.74 -26.02 13.24
C LEU B 14 -4.89 -24.52 13.43
N LYS B 15 -3.93 -23.74 12.96
CA LYS B 15 -3.96 -22.27 13.12
C LYS B 15 -3.14 -21.55 12.05
N LEU B 16 -3.72 -20.47 11.54
CA LEU B 16 -3.05 -19.60 10.55
C LEU B 16 -2.17 -18.60 11.30
N LEU B 17 -0.94 -18.42 10.83
CA LEU B 17 0.03 -17.57 11.51
C LEU B 17 0.35 -16.35 10.65
N GLY B 18 0.14 -16.49 9.35
CA GLY B 18 0.35 -15.40 8.44
C GLY B 18 -0.26 -15.66 7.08
N LYS B 19 -1.01 -14.69 6.58
CA LYS B 19 -1.46 -14.75 5.20
C LYS B 19 -0.43 -13.99 4.35
N GLY B 20 -0.87 -13.34 3.28
CA GLY B 20 0.05 -12.66 2.38
C GLY B 20 -0.36 -12.99 0.97
N THR B 21 0.12 -12.19 0.02
CA THR B 21 -0.28 -12.35 -1.37
C THR B 21 0.31 -13.60 -2.05
N PHE B 22 1.30 -14.25 -1.43
CA PHE B 22 1.91 -15.45 -2.05
C PHE B 22 1.31 -16.73 -1.51
N GLY B 23 0.69 -16.60 -0.34
CA GLY B 23 0.06 -17.73 0.31
C GLY B 23 -0.08 -17.55 1.79
N LYS B 24 0.11 -18.63 2.50
CA LYS B 24 -0.19 -18.67 3.91
C LYS B 24 0.79 -19.57 4.63
N VAL B 25 1.08 -19.25 5.88
CA VAL B 25 1.82 -20.16 6.75
C VAL B 25 0.86 -20.60 7.84
N ILE B 26 0.74 -21.92 8.02
CA ILE B 26 -0.12 -22.52 9.05
C ILE B 26 0.69 -23.40 10.00
N LEU B 27 0.36 -23.31 11.29
CA LEU B 27 0.86 -24.24 12.29
C LEU B 27 0.19 -25.59 12.06
N VAL B 28 1.01 -26.63 11.92
CA VAL B 28 0.50 -27.96 11.59
C VAL B 28 0.94 -29.06 12.55
N LYS B 29 0.10 -30.09 12.69
CA LYS B 29 0.46 -31.29 13.40
C LYS B 29 0.70 -32.39 12.37
N GLU B 30 1.88 -32.99 12.39
CA GLU B 30 2.16 -34.13 11.53
C GLU B 30 1.54 -35.34 12.22
N LYS B 31 0.56 -35.95 11.53
CA LYS B 31 -0.34 -36.95 12.13
C LYS B 31 0.39 -38.18 12.71
N ALA B 32 1.32 -38.74 11.93
CA ALA B 32 2.11 -39.93 12.28
C ALA B 32 3.10 -39.76 13.45
N THR B 33 3.52 -38.54 13.73
CA THR B 33 4.54 -38.31 14.76
C THR B 33 4.05 -37.40 15.91
N GLY B 34 3.09 -36.52 15.61
CA GLY B 34 2.54 -35.55 16.58
C GLY B 34 3.44 -34.35 16.83
N ARG B 35 4.42 -34.16 15.96
CA ARG B 35 5.32 -33.02 16.04
C ARG B 35 4.68 -31.87 15.30
N TYR B 36 4.91 -30.66 15.80
CA TYR B 36 4.31 -29.47 15.22
C TYR B 36 5.29 -28.77 14.31
N TYR B 37 4.78 -28.20 13.23
CA TYR B 37 5.59 -27.58 12.16
C TYR B 37 4.89 -26.34 11.64
N ALA B 38 5.65 -25.48 10.96
CA ALA B 38 5.07 -24.34 10.27
C ALA B 38 5.12 -24.63 8.78
N MET B 39 3.94 -24.77 8.17
CA MET B 39 3.87 -25.09 6.76
C MET B 39 3.59 -23.87 5.92
N LYS B 40 4.57 -23.55 5.08
CA LYS B 40 4.48 -22.46 4.13
C LYS B 40 3.85 -23.03 2.88
N ILE B 41 2.67 -22.50 2.55
CA ILE B 41 1.88 -22.94 1.41
C ILE B 41 1.78 -21.81 0.40
N LEU B 42 2.35 -22.06 -0.78
CA LEU B 42 2.48 -21.06 -1.82
C LEU B 42 1.59 -21.42 -3.00
N LYS B 43 0.64 -20.53 -3.29
CA LYS B 43 -0.30 -20.72 -4.39
C LYS B 43 0.50 -20.64 -5.72
N LYS B 44 0.44 -21.71 -6.51
CA LYS B 44 1.35 -21.92 -7.67
C LYS B 44 1.23 -20.88 -8.81
N GLU B 45 -0.01 -20.51 -9.17
CA GLU B 45 -0.27 -19.53 -10.23
C GLU B 45 0.47 -18.24 -9.96
N VAL B 46 0.29 -17.72 -8.74
CA VAL B 46 0.80 -16.42 -8.32
C VAL B 46 2.34 -16.35 -8.42
N ILE B 47 2.99 -17.46 -8.09
CA ILE B 47 4.45 -17.56 -8.17
C ILE B 47 4.94 -17.44 -9.61
N VAL B 48 4.13 -17.90 -10.56
CA VAL B 48 4.49 -17.77 -11.97
C VAL B 48 4.03 -16.41 -12.47
N ALA B 49 2.75 -16.10 -12.30
CA ALA B 49 2.23 -14.80 -12.66
C ALA B 49 3.13 -13.67 -12.15
N LYS B 50 3.35 -13.63 -10.83
CA LYS B 50 4.10 -12.55 -10.22
C LYS B 50 5.62 -12.68 -10.40
N ASP B 51 6.00 -13.68 -11.20
CA ASP B 51 7.40 -13.94 -11.60
C ASP B 51 8.35 -14.15 -10.41
N GLU B 52 7.99 -15.08 -9.53
CA GLU B 52 8.76 -15.36 -8.33
C GLU B 52 9.24 -16.80 -8.27
N VAL B 53 9.39 -17.42 -9.44
CA VAL B 53 9.71 -18.84 -9.55
C VAL B 53 11.15 -19.08 -9.08
N ALA B 54 12.05 -18.24 -9.56
CA ALA B 54 13.48 -18.38 -9.29
C ALA B 54 13.82 -18.10 -7.83
N HIS B 55 12.95 -17.34 -7.16
CA HIS B 55 13.13 -17.09 -5.74
C HIS B 55 12.69 -18.28 -4.92
N THR B 56 11.61 -18.89 -5.33
CA THR B 56 11.14 -20.08 -4.68
C THR B 56 12.17 -21.22 -4.79
N LEU B 57 12.67 -21.48 -5.99
CA LEU B 57 13.68 -22.51 -6.19
C LEU B 57 14.91 -22.22 -5.34
N THR B 58 15.30 -20.95 -5.31
CA THR B 58 16.47 -20.51 -4.55
C THR B 58 16.26 -20.73 -3.05
N GLU B 59 15.06 -20.40 -2.57
CA GLU B 59 14.76 -20.66 -1.17
C GLU B 59 14.88 -22.16 -0.85
N ASN B 60 14.31 -22.99 -1.72
CA ASN B 60 14.45 -24.43 -1.62
C ASN B 60 15.89 -24.95 -1.58
N ARG B 61 16.73 -24.52 -2.53
CA ARG B 61 18.11 -24.98 -2.57
C ARG B 61 18.85 -24.62 -1.28
N VAL B 62 18.75 -23.34 -0.89
CA VAL B 62 19.46 -22.85 0.28
C VAL B 62 19.00 -23.63 1.49
N LEU B 63 17.69 -23.86 1.58
CA LEU B 63 17.13 -24.62 2.69
C LEU B 63 17.67 -26.04 2.81
N GLN B 64 17.89 -26.71 1.67
CA GLN B 64 18.32 -28.11 1.64
C GLN B 64 19.81 -28.29 1.92
N ASN B 65 20.58 -27.25 1.61
CA ASN B 65 22.04 -27.26 1.77
C ASN B 65 22.53 -26.38 2.88
N SER B 66 21.66 -26.08 3.85
CA SER B 66 22.01 -25.34 5.08
C SER B 66 21.63 -26.13 6.31
N ARG B 67 22.53 -26.20 7.27
CA ARG B 67 22.26 -26.80 8.60
C ARG B 67 22.91 -25.88 9.63
N HIS B 68 22.09 -25.13 10.38
CA HIS B 68 22.59 -24.17 11.39
C HIS B 68 21.55 -23.94 12.48
N PRO B 69 22.03 -23.77 13.75
CA PRO B 69 21.12 -23.57 14.90
C PRO B 69 20.24 -22.31 14.77
N PHE B 70 20.65 -21.37 13.92
CA PHE B 70 19.96 -20.09 13.84
C PHE B 70 19.40 -19.79 12.49
N LEU B 71 19.35 -20.83 11.67
CA LEU B 71 18.57 -20.85 10.44
C LEU B 71 17.46 -21.85 10.66
N THR B 72 16.27 -21.44 10.29
CA THR B 72 15.13 -22.30 10.07
C THR B 72 15.50 -23.57 9.27
N ALA B 73 15.11 -24.72 9.81
CA ALA B 73 15.42 -25.98 9.14
C ALA B 73 14.19 -26.44 8.38
N LEU B 74 14.44 -26.91 7.17
CA LEU B 74 13.41 -27.53 6.35
C LEU B 74 13.27 -28.97 6.79
N LYS B 75 12.02 -29.39 7.05
CA LYS B 75 11.73 -30.78 7.32
C LYS B 75 11.38 -31.45 5.99
N TYR B 76 10.28 -31.03 5.41
CA TYR B 76 9.83 -31.61 4.18
C TYR B 76 9.53 -30.50 3.20
N SER B 77 9.99 -30.67 1.96
CA SER B 77 9.44 -29.87 0.87
C SER B 77 8.77 -30.77 -0.19
N PHE B 78 7.55 -30.37 -0.58
CA PHE B 78 6.79 -31.10 -1.60
C PHE B 78 5.86 -30.17 -2.39
N GLN B 79 5.24 -30.73 -3.43
CA GLN B 79 4.27 -29.98 -4.27
C GLN B 79 2.99 -30.76 -4.56
N THR B 80 1.95 -30.04 -5.01
CA THR B 80 0.70 -30.65 -5.44
C THR B 80 0.34 -30.19 -6.84
N HIS B 81 -0.95 -30.32 -7.17
CA HIS B 81 -1.53 -29.90 -8.43
C HIS B 81 -1.44 -28.37 -8.59
N ASP B 82 -2.01 -27.63 -7.64
CA ASP B 82 -1.94 -26.16 -7.69
C ASP B 82 -1.09 -25.47 -6.57
N ARG B 83 -0.21 -26.22 -5.88
CA ARG B 83 0.50 -25.67 -4.68
C ARG B 83 1.94 -26.12 -4.46
N LEU B 84 2.71 -25.26 -3.80
CA LEU B 84 4.03 -25.60 -3.26
C LEU B 84 4.01 -25.53 -1.73
N CYS B 85 4.69 -26.47 -1.11
CA CYS B 85 4.64 -26.62 0.34
C CYS B 85 6.00 -26.83 0.98
N PHE B 86 6.32 -25.99 1.96
CA PHE B 86 7.55 -26.09 2.74
C PHE B 86 7.17 -26.43 4.19
N VAL B 87 7.46 -27.64 4.64
CA VAL B 87 7.26 -27.95 6.06
C VAL B 87 8.52 -27.55 6.82
N MET B 88 8.38 -26.61 7.75
CA MET B 88 9.55 -26.17 8.53
C MET B 88 9.37 -26.16 10.02
N GLU B 89 10.47 -26.23 10.75
CA GLU B 89 10.35 -26.26 12.20
C GLU B 89 9.81 -24.93 12.66
N TYR B 90 8.99 -24.98 13.70
CA TYR B 90 8.09 -23.89 14.07
C TYR B 90 8.85 -22.96 15.00
N ALA B 91 8.78 -21.66 14.73
CA ALA B 91 9.41 -20.67 15.57
C ALA B 91 8.33 -20.00 16.42
N ASN B 92 7.95 -20.65 17.51
CA ASN B 92 6.77 -20.24 18.27
C ASN B 92 6.88 -18.95 19.09
N GLY B 93 8.10 -18.42 19.19
CA GLY B 93 8.32 -17.10 19.77
C GLY B 93 7.91 -15.94 18.87
N GLY B 94 7.46 -16.26 17.66
CA GLY B 94 7.04 -15.21 16.74
C GLY B 94 8.19 -14.44 16.14
N GLU B 95 7.89 -13.32 15.51
CA GLU B 95 8.89 -12.50 14.86
C GLU B 95 9.48 -11.51 15.85
N LEU B 96 10.73 -11.15 15.62
CA LEU B 96 11.36 -10.13 16.42
C LEU B 96 10.64 -8.76 16.30
N PHE B 97 10.03 -8.50 15.15
CA PHE B 97 9.08 -7.39 15.00
C PHE B 97 8.11 -7.37 16.19
N PHE B 98 7.43 -8.50 16.40
CA PHE B 98 6.40 -8.62 17.42
C PHE B 98 6.82 -8.05 18.77
N HIS B 99 7.91 -8.55 19.35
CA HIS B 99 8.36 -8.10 20.66
C HIS B 99 8.85 -6.65 20.70
N LEU B 100 9.68 -6.28 19.73
CA LEU B 100 10.18 -4.92 19.60
C LEU B 100 9.01 -3.93 19.48
N SER B 101 8.02 -4.24 18.63
CA SER B 101 6.80 -3.43 18.55
C SER B 101 6.29 -3.09 19.96
N ARG B 102 6.38 -4.06 20.88
CA ARG B 102 5.82 -3.91 22.22
C ARG B 102 6.74 -3.33 23.33
N GLU B 103 8.02 -3.73 23.41
CA GLU B 103 8.94 -3.15 24.42
C GLU B 103 9.60 -1.84 24.02
N ARG B 104 9.45 -1.45 22.75
CA ARG B 104 10.00 -0.22 22.11
C ARG B 104 11.49 -0.30 21.76
N VAL B 105 12.30 -0.76 22.70
CA VAL B 105 13.76 -0.71 22.68
C VAL B 105 14.22 -1.95 23.44
N PHE B 106 15.24 -2.64 22.94
CA PHE B 106 15.87 -3.77 23.64
C PHE B 106 17.09 -3.28 24.38
N SER B 107 17.43 -3.92 25.49
CA SER B 107 18.69 -3.61 26.17
C SER B 107 19.89 -3.95 25.27
N GLU B 108 21.05 -3.37 25.58
CA GLU B 108 22.27 -3.77 24.89
C GLU B 108 22.58 -5.26 25.03
N ASP B 109 22.37 -5.86 26.21
CA ASP B 109 22.61 -7.31 26.36
C ASP B 109 21.74 -8.23 25.48
N ARG B 110 20.45 -7.95 25.53
CA ARG B 110 19.51 -8.64 24.70
C ARG B 110 19.83 -8.35 23.22
N ALA B 111 20.10 -7.10 22.84
CA ALA B 111 20.52 -6.81 21.48
C ALA B 111 21.81 -7.54 21.08
N ARG B 112 22.81 -7.58 22.00
CA ARG B 112 24.10 -8.27 21.79
C ARG B 112 23.93 -9.78 21.64
N PHE B 113 22.90 -10.31 22.27
CA PHE B 113 22.63 -11.72 22.19
C PHE B 113 22.09 -12.12 20.81
N TYR B 114 21.08 -11.40 20.34
CA TYR B 114 20.51 -11.66 19.05
C TYR B 114 21.54 -11.40 17.96
N GLY B 115 22.18 -10.24 18.02
CA GLY B 115 23.25 -9.91 17.07
C GLY B 115 24.31 -10.99 16.95
N ALA B 116 24.81 -11.47 18.10
CA ALA B 116 25.77 -12.59 18.14
C ALA B 116 25.28 -13.79 17.34
N GLU B 117 24.03 -14.18 17.56
CA GLU B 117 23.51 -15.39 16.89
C GLU B 117 23.43 -15.22 15.40
N ILE B 118 22.94 -14.04 14.99
CA ILE B 118 22.81 -13.67 13.59
C ILE B 118 24.19 -13.63 12.97
N VAL B 119 25.18 -13.11 13.69
CA VAL B 119 26.53 -13.05 13.15
C VAL B 119 27.05 -14.47 12.88
N SER B 120 26.79 -15.38 13.82
CA SER B 120 27.02 -16.81 13.64
C SER B 120 26.41 -17.36 12.34
N ALA B 121 25.09 -17.21 12.20
CA ALA B 121 24.43 -17.68 11.00
C ALA B 121 25.06 -17.07 9.76
N LEU B 122 25.13 -15.76 9.70
CA LEU B 122 25.54 -15.16 8.46
C LEU B 122 26.96 -15.53 8.13
N ASP B 123 27.78 -15.75 9.15
CA ASP B 123 29.17 -16.11 8.87
C ASP B 123 29.20 -17.50 8.24
N TYR B 124 28.39 -18.39 8.79
CA TYR B 124 28.19 -19.72 8.22
C TYR B 124 27.82 -19.63 6.75
N LEU B 125 26.82 -18.81 6.40
CA LEU B 125 26.31 -18.69 5.02
C LEU B 125 27.37 -18.11 4.12
N HIS B 126 28.18 -17.22 4.66
CA HIS B 126 29.27 -16.63 3.88
C HIS B 126 30.42 -17.59 3.63
N SER B 127 30.98 -18.14 4.72
CA SER B 127 32.19 -18.96 4.72
C SER B 127 31.96 -20.42 4.36
N GLU B 128 30.99 -21.07 4.99
CA GLU B 128 30.71 -22.48 4.72
C GLU B 128 29.96 -22.65 3.40
N LYS B 129 29.00 -21.79 3.09
CA LYS B 129 28.13 -22.07 1.93
C LYS B 129 28.19 -21.11 0.73
N ASN B 130 29.10 -20.13 0.79
CA ASN B 130 29.23 -19.09 -0.24
C ASN B 130 27.91 -18.44 -0.71
N VAL B 131 26.99 -18.25 0.24
CA VAL B 131 25.70 -17.60 0.03
C VAL B 131 25.69 -16.19 0.63
N VAL B 132 24.97 -15.26 -0.02
CA VAL B 132 24.82 -13.90 0.51
C VAL B 132 23.34 -13.76 0.77
N TYR B 133 22.95 -13.45 1.99
CA TYR B 133 21.54 -13.55 2.39
C TYR B 133 20.66 -12.51 1.72
N ARG B 134 21.12 -11.27 1.73
CA ARG B 134 20.54 -10.11 0.99
C ARG B 134 19.28 -9.44 1.58
N ASP B 135 18.55 -10.15 2.45
CA ASP B 135 17.25 -9.66 2.93
C ASP B 135 17.15 -9.60 4.46
N LEU B 136 18.26 -9.31 5.15
CA LEU B 136 18.23 -9.17 6.60
C LEU B 136 17.37 -7.99 7.01
N LYS B 137 16.36 -8.27 7.82
CA LYS B 137 15.42 -7.28 8.30
C LYS B 137 14.69 -7.83 9.52
N LEU B 138 14.06 -6.95 10.28
CA LEU B 138 13.36 -7.37 11.48
C LEU B 138 12.35 -8.48 11.19
N GLU B 139 11.62 -8.34 10.10
CA GLU B 139 10.52 -9.27 9.74
C GLU B 139 10.98 -10.71 9.51
N ASN B 140 12.21 -10.86 9.04
CA ASN B 140 12.81 -12.17 8.79
C ASN B 140 13.58 -12.76 9.98
N LEU B 141 13.44 -12.16 11.16
CA LEU B 141 14.09 -12.75 12.35
C LEU B 141 13.06 -13.25 13.34
N MET B 142 13.08 -14.53 13.65
CA MET B 142 12.09 -15.09 14.53
C MET B 142 12.76 -15.73 15.71
N LEU B 143 11.98 -16.07 16.72
CA LEU B 143 12.48 -16.76 17.91
C LEU B 143 11.88 -18.14 18.02
N ASP B 144 12.69 -19.12 18.46
CA ASP B 144 12.16 -20.43 18.83
C ASP B 144 11.74 -20.51 20.31
N LYS B 145 11.12 -21.63 20.69
CA LYS B 145 10.62 -21.81 22.06
C LYS B 145 11.61 -21.55 23.18
N ASP B 146 12.89 -21.42 22.88
CA ASP B 146 13.87 -21.09 23.91
C ASP B 146 14.35 -19.63 23.90
N GLY B 147 13.94 -18.87 22.88
CA GLY B 147 14.37 -17.48 22.77
C GLY B 147 15.61 -17.35 21.88
N HIS B 148 15.84 -18.36 21.05
CA HIS B 148 16.93 -18.34 20.09
C HIS B 148 16.50 -17.80 18.73
N ILE B 149 17.41 -17.07 18.09
CA ILE B 149 17.18 -16.42 16.81
C ILE B 149 17.01 -17.49 15.75
N LYS B 150 15.94 -17.36 14.96
CA LYS B 150 15.74 -18.16 13.79
C LYS B 150 15.55 -17.21 12.60
N ILE B 151 16.41 -17.33 11.57
CA ILE B 151 16.27 -16.52 10.37
C ILE B 151 15.45 -17.28 9.36
N THR B 152 14.37 -16.67 8.88
CA THR B 152 13.52 -17.26 7.85
C THR B 152 13.63 -16.52 6.53
N ASP B 153 13.11 -17.16 5.48
CA ASP B 153 12.88 -16.56 4.17
C ASP B 153 14.18 -16.38 3.36
N PHE B 154 14.47 -17.36 2.51
CA PHE B 154 15.76 -17.36 1.84
C PHE B 154 15.70 -17.01 0.35
N GLY B 155 14.55 -16.54 -0.12
CA GLY B 155 14.29 -16.27 -1.52
C GLY B 155 15.29 -15.37 -2.22
N LEU B 156 15.89 -14.44 -1.50
CA LEU B 156 16.76 -13.46 -2.14
C LEU B 156 18.26 -13.80 -2.08
N CYS B 157 18.59 -14.95 -1.50
CA CYS B 157 19.99 -15.38 -1.49
C CYS B 157 20.58 -15.43 -2.90
N LYS B 158 21.84 -15.03 -2.96
CA LYS B 158 22.67 -15.24 -4.11
C LYS B 158 23.56 -16.35 -3.67
N GLU B 159 23.77 -17.32 -4.55
CA GLU B 159 24.62 -18.50 -4.28
C GLU B 159 25.95 -18.39 -5.00
N GLY B 160 26.90 -19.22 -4.60
CA GLY B 160 28.18 -19.31 -5.27
C GLY B 160 28.99 -18.03 -5.23
N ILE B 161 28.86 -17.28 -4.12
CA ILE B 161 29.57 -16.01 -3.89
C ILE B 161 30.73 -16.16 -2.90
N LYS B 162 31.95 -16.10 -3.41
CA LYS B 162 33.14 -16.37 -2.61
C LYS B 162 34.13 -15.22 -2.68
N ASP B 163 34.57 -14.78 -1.50
CA ASP B 163 35.42 -13.59 -1.33
C ASP B 163 34.84 -12.40 -2.12
N GLY B 164 35.69 -11.61 -2.78
CA GLY B 164 35.24 -10.38 -3.44
C GLY B 164 34.24 -10.51 -4.59
N ALA B 165 33.65 -11.70 -4.79
CA ALA B 165 32.59 -11.85 -5.80
C ALA B 165 31.43 -10.83 -5.61
N THR B 166 31.03 -10.18 -6.71
CA THR B 166 30.03 -9.12 -6.67
C THR B 166 28.76 -9.55 -7.40
N MET B 167 27.68 -8.81 -7.15
CA MET B 167 26.33 -9.06 -7.64
C MET B 167 25.74 -7.77 -8.24
N LYS B 168 24.68 -7.89 -9.03
CA LYS B 168 24.10 -6.74 -9.74
C LYS B 168 22.64 -6.47 -9.40
N PHE B 170 19.21 -5.57 -8.02
CA PHE B 170 18.46 -4.73 -7.09
C PHE B 170 17.32 -5.52 -6.45
N CYS B 171 17.49 -5.82 -5.16
CA CYS B 171 16.52 -6.59 -4.40
C CYS B 171 16.76 -6.34 -2.90
N GLY B 172 15.72 -6.60 -2.11
CA GLY B 172 15.73 -6.43 -0.65
C GLY B 172 14.45 -5.78 -0.22
N THR B 173 14.41 -5.18 0.96
CA THR B 173 13.27 -4.40 1.38
C THR B 173 13.76 -2.97 1.44
N PRO B 174 13.00 -2.00 0.88
CA PRO B 174 13.52 -0.64 0.75
C PRO B 174 14.26 -0.07 1.98
N GLU B 175 13.66 -0.18 3.18
CA GLU B 175 14.18 0.52 4.39
C GLU B 175 15.57 -0.01 4.76
N TYR B 176 15.87 -1.19 4.22
CA TYR B 176 17.04 -1.97 4.62
C TYR B 176 18.15 -1.99 3.57
N LEU B 177 17.89 -1.47 2.36
CA LEU B 177 18.88 -1.56 1.28
C LEU B 177 20.20 -0.87 1.62
N ALA B 178 21.32 -1.55 1.35
CA ALA B 178 22.61 -0.94 1.54
C ALA B 178 22.85 0.18 0.46
N PRO B 179 23.59 1.24 0.84
CA PRO B 179 23.92 2.33 -0.04
C PRO B 179 24.41 1.84 -1.39
N GLU B 180 25.40 0.92 -1.36
CA GLU B 180 25.99 0.39 -2.61
C GLU B 180 25.00 -0.38 -3.49
N VAL B 181 23.92 -0.91 -2.91
CA VAL B 181 22.86 -1.52 -3.71
C VAL B 181 22.04 -0.45 -4.45
N LEU B 182 21.85 0.69 -3.81
CA LEU B 182 21.13 1.81 -4.39
C LEU B 182 22.01 2.58 -5.40
N GLU B 183 23.34 2.48 -5.25
CA GLU B 183 24.29 3.15 -6.15
C GLU B 183 24.19 2.54 -7.50
N ASP B 184 23.85 1.26 -7.52
CA ASP B 184 23.69 0.49 -8.75
C ASP B 184 24.98 0.29 -9.55
N ASN B 185 26.16 0.54 -8.95
CA ASN B 185 27.45 -0.02 -9.43
C ASN B 185 27.36 -1.41 -8.86
N ASP B 186 28.43 -2.17 -8.69
CA ASP B 186 28.13 -3.54 -8.21
C ASP B 186 28.07 -3.64 -6.70
N TYR B 187 27.81 -4.83 -6.14
CA TYR B 187 27.91 -4.99 -4.68
C TYR B 187 28.34 -6.39 -4.25
N GLY B 188 28.81 -6.52 -3.01
CA GLY B 188 29.34 -7.78 -2.52
C GLY B 188 28.67 -8.20 -1.21
N ARG B 189 29.28 -9.16 -0.54
CA ARG B 189 28.68 -9.82 0.60
C ARG B 189 28.62 -8.95 1.86
N ALA B 190 29.38 -7.87 1.90
CA ALA B 190 29.21 -6.89 2.98
C ALA B 190 27.81 -6.23 3.09
N VAL B 191 26.89 -6.49 2.15
CA VAL B 191 25.51 -5.98 2.27
C VAL B 191 24.77 -6.56 3.47
N ASP B 192 25.07 -7.82 3.79
CA ASP B 192 24.56 -8.45 5.02
C ASP B 192 24.95 -7.72 6.34
N TRP B 193 26.12 -7.09 6.37
CA TRP B 193 26.54 -6.45 7.60
C TRP B 193 25.85 -5.12 7.78
N TRP B 194 25.64 -4.44 6.68
CA TRP B 194 24.80 -3.28 6.66
C TRP B 194 23.43 -3.67 7.25
N GLY B 195 22.86 -4.80 6.80
CA GLY B 195 21.64 -5.36 7.36
C GLY B 195 21.66 -5.55 8.87
N LEU B 196 22.65 -6.30 9.36
CA LEU B 196 22.93 -6.41 10.78
C LEU B 196 22.92 -5.06 11.44
N GLY B 197 23.51 -4.07 10.79
CA GLY B 197 23.52 -2.73 11.34
C GLY B 197 22.14 -2.18 11.50
N VAL B 198 21.30 -2.42 10.50
CA VAL B 198 19.94 -1.86 10.55
C VAL B 198 19.14 -2.53 11.64
N VAL B 199 19.01 -3.86 11.59
CA VAL B 199 18.32 -4.57 12.70
C VAL B 199 18.95 -4.30 14.11
N MET B 200 20.26 -4.17 14.19
CA MET B 200 20.87 -3.92 15.51
C MET B 200 20.57 -2.51 15.99
N TYR B 201 20.59 -1.57 15.06
CA TYR B 201 20.10 -0.23 15.28
C TYR B 201 18.67 -0.23 15.80
N GLU B 202 17.80 -0.96 15.12
CA GLU B 202 16.38 -1.05 15.49
C GLU B 202 16.27 -1.59 16.89
N MET B 203 16.95 -2.70 17.17
CA MET B 203 16.84 -3.31 18.47
C MET B 203 17.23 -2.33 19.57
N MET B 204 18.25 -1.52 19.35
CA MET B 204 18.75 -0.69 20.46
C MET B 204 18.22 0.75 20.46
N CYS B 205 17.79 1.23 19.31
CA CYS B 205 17.31 2.61 19.20
C CYS B 205 15.80 2.75 19.10
N GLY B 206 15.12 1.64 18.81
CA GLY B 206 13.68 1.58 18.72
C GLY B 206 13.09 2.16 17.45
N ARG B 207 13.94 2.39 16.45
CA ARG B 207 13.53 2.99 15.19
C ARG B 207 14.57 2.65 14.16
N LEU B 208 14.26 2.98 12.92
CA LEU B 208 15.11 2.66 11.80
C LEU B 208 16.11 3.78 11.69
N PRO B 209 17.32 3.48 11.18
CA PRO B 209 18.26 4.59 11.16
C PRO B 209 17.93 5.59 10.05
N PHE B 210 17.13 5.18 9.06
CA PHE B 210 16.70 6.04 7.97
C PHE B 210 15.27 5.73 7.67
N TYR B 211 14.41 6.75 7.77
CA TYR B 211 13.02 6.55 7.45
C TYR B 211 12.30 7.66 6.71
N ASN B 212 11.51 7.24 5.71
CA ASN B 212 10.50 8.06 5.06
C ASN B 212 9.43 7.18 4.40
N GLN B 213 8.18 7.67 4.38
CA GLN B 213 7.06 6.90 3.79
C GLN B 213 7.29 6.65 2.30
N ASP B 214 7.76 7.68 1.62
CA ASP B 214 7.96 7.62 0.21
C ASP B 214 9.34 7.05 -0.01
N HIS B 215 9.40 5.98 -0.80
CA HIS B 215 10.62 5.23 -1.08
C HIS B 215 11.75 6.04 -1.64
N GLU B 216 11.43 7.06 -2.44
CA GLU B 216 12.48 7.85 -3.08
C GLU B 216 13.19 8.76 -2.13
N LYS B 217 12.45 9.32 -1.19
CA LYS B 217 13.05 10.19 -0.16
C LYS B 217 13.85 9.35 0.82
N LEU B 218 13.38 8.12 1.01
CA LEU B 218 14.04 7.13 1.86
C LEU B 218 15.39 6.73 1.30
N PHE B 219 15.45 6.40 0.01
CA PHE B 219 16.73 6.14 -0.68
C PHE B 219 17.67 7.32 -0.62
N GLU B 220 17.10 8.52 -0.78
CA GLU B 220 17.88 9.74 -0.68
C GLU B 220 18.55 9.77 0.67
N LEU B 221 17.79 9.52 1.76
CA LEU B 221 18.39 9.52 3.13
C LEU B 221 19.47 8.42 3.31
N ILE B 222 19.22 7.20 2.80
CA ILE B 222 20.24 6.15 2.89
C ILE B 222 21.61 6.57 2.28
N LEU B 223 21.58 7.25 1.14
CA LEU B 223 22.82 7.65 0.47
C LEU B 223 23.40 8.94 1.05
N MET B 224 22.50 9.88 1.41
CA MET B 224 22.88 11.25 1.71
C MET B 224 23.24 11.55 3.17
N GLU B 225 22.43 11.11 4.13
CA GLU B 225 22.53 11.56 5.52
C GLU B 225 23.40 10.67 6.41
N GLU B 226 24.16 11.29 7.31
CA GLU B 226 25.01 10.59 8.32
C GLU B 226 24.14 10.01 9.42
N ILE B 227 24.58 8.91 10.05
CA ILE B 227 23.78 8.30 11.14
C ILE B 227 23.75 9.15 12.39
N ARG B 228 22.56 9.24 12.99
CA ARG B 228 22.36 9.76 14.33
C ARG B 228 22.26 8.60 15.31
N PHE B 229 22.75 8.78 16.53
CA PHE B 229 22.54 7.79 17.59
C PHE B 229 21.96 8.44 18.82
N PRO B 230 20.84 7.90 19.33
CA PRO B 230 20.32 8.26 20.63
C PRO B 230 21.42 8.31 21.67
N ARG B 231 21.41 9.34 22.51
CA ARG B 231 22.42 9.53 23.52
C ARG B 231 22.33 8.55 24.69
N THR B 232 21.31 7.65 24.65
CA THR B 232 21.22 6.45 25.51
C THR B 232 22.29 5.41 25.17
N LEU B 233 22.64 5.31 23.88
CA LEU B 233 23.59 4.30 23.39
C LEU B 233 24.99 4.46 24.03
N GLY B 234 25.50 3.39 24.61
CA GLY B 234 26.86 3.40 25.16
C GLY B 234 27.95 3.40 24.10
N PRO B 235 29.22 3.50 24.52
CA PRO B 235 30.26 3.79 23.52
C PRO B 235 30.62 2.63 22.58
N GLU B 236 30.61 1.38 23.06
CA GLU B 236 30.96 0.26 22.15
C GLU B 236 29.78 -0.11 21.27
N ALA B 237 28.59 0.26 21.70
CA ALA B 237 27.40 0.07 20.90
C ALA B 237 27.35 1.09 19.77
N LYS B 238 27.68 2.34 20.08
CA LYS B 238 27.76 3.42 19.08
C LYS B 238 28.80 3.15 17.96
N SER B 239 29.87 2.46 18.33
CA SER B 239 30.98 2.22 17.42
C SER B 239 30.71 1.03 16.51
N LEU B 240 30.03 0.01 17.05
CA LEU B 240 29.62 -1.14 16.27
C LEU B 240 28.66 -0.65 15.22
N LEU B 241 27.58 0.03 15.65
CA LEU B 241 26.56 0.50 14.74
C LEU B 241 27.14 1.31 13.61
N SER B 242 28.00 2.24 13.93
CA SER B 242 28.54 3.12 12.92
C SER B 242 29.64 2.45 12.14
N GLY B 243 30.21 1.39 12.65
CA GLY B 243 31.09 0.55 11.84
C GLY B 243 30.28 -0.25 10.83
N LEU B 244 29.25 -0.92 11.31
CA LEU B 244 28.36 -1.65 10.41
C LEU B 244 27.61 -0.75 9.41
N LEU B 245 27.33 0.51 9.78
CA LEU B 245 26.59 1.45 8.89
C LEU B 245 27.48 2.46 8.11
N LYS B 246 28.68 2.05 7.71
CA LYS B 246 29.47 2.82 6.76
C LYS B 246 28.84 2.67 5.37
N LYS B 247 28.67 3.79 4.67
CA LYS B 247 28.01 3.76 3.38
C LYS B 247 28.99 3.23 2.34
N ASP B 248 30.27 3.48 2.53
CA ASP B 248 31.27 2.80 1.71
C ASP B 248 31.46 1.39 2.27
N PRO B 249 31.11 0.32 1.52
CA PRO B 249 31.32 -1.05 2.01
C PRO B 249 32.77 -1.37 2.42
N LYS B 250 33.74 -0.75 1.76
CA LYS B 250 35.16 -1.01 2.09
C LYS B 250 35.63 -0.38 3.41
N GLN B 251 34.85 0.56 3.94
CA GLN B 251 35.14 1.09 5.26
C GLN B 251 34.29 0.32 6.28
N ARG B 252 33.39 -0.51 5.77
CA ARG B 252 32.40 -1.11 6.64
C ARG B 252 33.00 -2.25 7.46
N LEU B 253 32.63 -2.30 8.74
CA LEU B 253 32.89 -3.46 9.59
C LEU B 253 32.40 -4.76 8.95
N GLY B 254 33.29 -5.73 8.78
CA GLY B 254 32.95 -6.97 8.07
C GLY B 254 33.05 -6.82 6.57
N GLY B 255 33.48 -5.63 6.15
CA GLY B 255 33.46 -5.21 4.74
C GLY B 255 34.66 -5.61 3.93
N GLY B 256 35.76 -5.94 4.61
CA GLY B 256 36.93 -6.52 3.96
C GLY B 256 36.93 -8.03 3.90
N SER B 257 38.14 -8.60 3.90
CA SER B 257 38.39 -10.01 3.57
C SER B 257 38.26 -10.95 4.76
N GLU B 258 38.41 -10.40 5.97
CA GLU B 258 38.12 -11.15 7.20
C GLU B 258 36.63 -11.49 7.28
N ASP B 259 35.79 -10.54 6.86
CA ASP B 259 34.34 -10.73 6.85
C ASP B 259 33.80 -10.72 8.30
N ALA B 260 33.15 -11.79 8.76
CA ALA B 260 32.49 -11.80 10.06
C ALA B 260 33.45 -11.57 11.21
N LYS B 261 34.71 -11.93 10.97
CA LYS B 261 35.77 -11.88 11.96
C LYS B 261 36.01 -10.44 12.39
N GLU B 262 35.84 -9.51 11.47
CA GLU B 262 35.99 -8.14 11.83
C GLU B 262 34.89 -7.76 12.82
N ILE B 263 33.69 -8.35 12.67
CA ILE B 263 32.57 -8.09 13.57
C ILE B 263 32.74 -8.83 14.91
N MET B 264 33.13 -10.11 14.83
CA MET B 264 33.23 -10.96 16.01
C MET B 264 34.24 -10.45 17.01
N GLN B 265 35.27 -9.77 16.52
CA GLN B 265 36.35 -9.23 17.37
C GLN B 265 36.16 -7.75 17.74
N HIS B 266 35.03 -7.18 17.34
CA HIS B 266 34.70 -5.84 17.81
C HIS B 266 34.49 -5.87 19.34
N ARG B 267 34.93 -4.78 19.94
CA ARG B 267 34.86 -4.56 21.36
C ARG B 267 33.43 -4.62 21.92
N PHE B 268 32.42 -4.42 21.08
CA PHE B 268 31.01 -4.60 21.51
C PHE B 268 30.70 -6.05 21.88
N PHE B 269 31.38 -7.00 21.23
CA PHE B 269 31.27 -8.41 21.59
C PHE B 269 32.43 -8.88 22.50
N ALA B 270 32.95 -7.96 23.31
CA ALA B 270 34.22 -8.20 24.08
C ALA B 270 34.26 -9.45 24.96
N GLY B 271 33.16 -9.96 25.46
CA GLY B 271 33.29 -11.24 26.17
C GLY B 271 32.69 -12.47 25.52
N ILE B 272 32.04 -12.28 24.38
CA ILE B 272 31.34 -13.36 23.70
C ILE B 272 32.32 -14.46 23.30
N VAL B 273 32.00 -15.70 23.65
CA VAL B 273 32.75 -16.88 23.20
C VAL B 273 31.92 -17.54 22.13
N TRP B 274 32.39 -17.43 20.89
CA TRP B 274 31.64 -17.72 19.66
C TRP B 274 31.31 -19.18 19.42
N GLN B 275 32.15 -20.10 19.88
CA GLN B 275 31.82 -21.53 19.90
C GLN B 275 30.57 -21.75 20.78
N HIS B 276 30.42 -20.94 21.82
CA HIS B 276 29.37 -21.11 22.82
C HIS B 276 28.06 -20.57 22.27
N VAL B 277 28.12 -19.41 21.63
CA VAL B 277 27.02 -18.92 20.80
C VAL B 277 26.47 -20.04 19.96
N TYR B 278 27.31 -20.60 19.09
CA TYR B 278 26.90 -21.61 18.14
C TYR B 278 26.30 -22.81 18.87
N GLU B 279 26.92 -23.22 19.97
CA GLU B 279 26.46 -24.38 20.76
C GLU B 279 25.26 -24.13 21.66
N LYS B 280 24.89 -22.85 21.80
CA LYS B 280 23.70 -22.43 22.53
C LYS B 280 23.92 -22.53 24.02
N LYS B 281 25.19 -22.53 24.41
CA LYS B 281 25.61 -22.40 25.80
C LYS B 281 25.26 -21.02 26.41
N LEU B 282 24.66 -20.13 25.61
CA LEU B 282 24.32 -18.77 26.06
C LEU B 282 22.84 -18.65 26.52
N SER B 283 22.65 -18.26 27.78
CA SER B 283 21.31 -18.05 28.34
C SER B 283 20.52 -17.01 27.59
N PRO B 284 19.43 -17.43 26.90
CA PRO B 284 18.57 -16.43 26.26
C PRO B 284 18.05 -15.41 27.26
N PRO B 285 18.09 -14.13 26.88
CA PRO B 285 17.62 -13.03 27.72
C PRO B 285 16.10 -12.99 27.81
N PHE B 286 15.41 -13.82 27.03
CA PHE B 286 13.96 -13.96 27.09
C PHE B 286 13.53 -15.34 26.56
N LYS B 287 12.71 -16.05 27.33
CA LYS B 287 12.07 -17.29 26.89
C LYS B 287 10.61 -17.01 26.62
N PRO B 288 10.14 -17.30 25.38
CA PRO B 288 8.74 -17.02 25.07
C PRO B 288 7.86 -17.77 26.08
N GLN B 289 6.75 -17.16 26.49
CA GLN B 289 5.94 -17.72 27.57
C GLN B 289 4.72 -18.38 26.94
N VAL B 290 4.85 -19.68 26.70
CA VAL B 290 3.84 -20.45 25.95
C VAL B 290 3.17 -21.55 26.80
N THR B 291 1.84 -21.45 26.98
CA THR B 291 1.06 -22.43 27.76
C THR B 291 1.07 -23.80 27.06
N SER B 292 0.22 -24.01 26.06
CA SER B 292 0.38 -25.16 25.16
C SER B 292 1.50 -24.95 24.14
N GLU B 293 1.85 -26.02 23.43
CA GLU B 293 2.81 -25.96 22.34
C GLU B 293 2.08 -25.61 21.04
N THR B 294 0.91 -24.98 21.19
CA THR B 294 0.07 -24.50 20.09
C THR B 294 -0.49 -23.14 20.48
N ASP B 295 0.06 -22.62 21.57
CA ASP B 295 -0.08 -21.23 21.99
C ASP B 295 0.51 -20.33 20.88
N THR B 296 -0.33 -19.59 20.17
CA THR B 296 0.13 -18.75 19.07
C THR B 296 0.01 -17.27 19.44
N ARG B 297 0.19 -17.03 20.73
CA ARG B 297 0.11 -15.71 21.34
C ARG B 297 1.06 -14.66 20.72
N TYR B 298 2.21 -15.14 20.20
CA TYR B 298 3.23 -14.29 19.56
C TYR B 298 3.03 -14.08 18.05
N PHE B 299 1.80 -14.30 17.58
CA PHE B 299 1.44 -14.01 16.19
C PHE B 299 0.17 -13.17 16.22
N ASP B 300 0.15 -12.12 15.39
CA ASP B 300 -1.00 -11.20 15.30
C ASP B 300 -2.35 -11.91 15.33
N GLU B 301 -3.25 -11.40 16.18
CA GLU B 301 -4.61 -11.91 16.33
C GLU B 301 -5.38 -11.92 15.01
N GLU B 302 -5.08 -10.94 14.16
CA GLU B 302 -5.64 -10.84 12.83
C GLU B 302 -5.55 -12.17 12.07
N PHE B 303 -4.45 -12.89 12.26
CA PHE B 303 -4.21 -14.11 11.50
C PHE B 303 -4.62 -15.37 12.23
N THR B 304 -4.62 -15.34 13.56
CA THR B 304 -4.89 -16.52 14.39
C THR B 304 -6.36 -16.80 14.68
N ALA B 305 -7.22 -15.83 14.41
CA ALA B 305 -8.67 -16.00 14.63
C ALA B 305 -9.47 -16.20 13.33
N GLN B 306 -8.77 -16.58 12.25
CA GLN B 306 -9.39 -16.85 10.92
C GLN B 306 -9.69 -18.34 10.64
N MET B 307 -10.37 -18.60 9.54
CA MET B 307 -10.80 -19.95 9.16
C MET B 307 -10.05 -20.46 7.91
N ILE B 308 -9.61 -21.72 7.96
CA ILE B 308 -8.79 -22.33 6.89
C ILE B 308 -9.61 -22.92 5.71
N THR B 309 -8.99 -22.99 4.53
CA THR B 309 -9.60 -23.51 3.29
C THR B 309 -8.66 -24.48 2.56
N ARG B 327 1.40 -22.54 -13.66
CA ARG B 327 0.90 -23.70 -12.92
C ARG B 327 1.63 -25.03 -13.25
N PRO B 328 2.97 -25.01 -13.36
CA PRO B 328 3.70 -26.21 -13.78
C PRO B 328 4.10 -27.20 -12.68
N HIS B 329 4.72 -28.30 -13.08
CA HIS B 329 5.50 -29.12 -12.16
C HIS B 329 6.88 -28.46 -12.04
N PHE B 330 7.47 -28.54 -10.85
CA PHE B 330 8.83 -28.05 -10.63
C PHE B 330 9.78 -29.23 -10.46
N PRO B 331 10.56 -29.54 -11.51
CA PRO B 331 11.52 -30.67 -11.45
C PRO B 331 12.33 -30.70 -10.15
N GLN B 332 12.13 -31.74 -9.34
CA GLN B 332 13.05 -32.03 -8.24
C GLN B 332 12.98 -30.95 -7.13
N PHE B 333 11.76 -30.54 -6.82
CA PHE B 333 11.48 -29.63 -5.73
C PHE B 333 11.27 -30.43 -4.46
N ASP B 334 10.55 -31.55 -4.61
CA ASP B 334 10.26 -32.45 -3.51
C ASP B 334 11.54 -32.96 -2.82
N TYR B 335 11.54 -32.87 -1.50
CA TYR B 335 12.69 -33.17 -0.69
C TYR B 335 12.22 -33.58 0.70
N SER B 336 13.04 -34.37 1.38
CA SER B 336 12.75 -34.82 2.72
C SER B 336 14.05 -34.88 3.49
N ALA B 337 14.08 -34.25 4.66
CA ALA B 337 15.28 -34.27 5.48
C ALA B 337 15.40 -35.63 6.14
N SER B 338 16.63 -36.10 6.24
CA SER B 338 16.95 -37.37 6.87
C SER B 338 16.87 -37.19 8.39
N SER B 339 17.27 -38.20 9.15
CA SER B 339 17.35 -38.05 10.61
C SER B 339 18.70 -38.55 11.13
N GLY C 1 -24.20 28.12 -0.13
CA GLY C 1 -22.94 28.13 -0.91
C GLY C 1 -23.10 28.85 -2.23
N ARG C 2 -22.56 28.25 -3.29
CA ARG C 2 -22.71 28.79 -4.65
C ARG C 2 -23.79 27.97 -5.38
N PRO C 3 -24.29 28.47 -6.54
CA PRO C 3 -25.13 27.61 -7.39
C PRO C 3 -24.41 26.32 -7.82
N ARG C 4 -25.16 25.23 -7.95
CA ARG C 4 -24.68 23.97 -8.54
C ARG C 4 -24.00 24.19 -9.93
N THR C 5 -22.89 23.50 -10.19
CA THR C 5 -22.13 23.70 -11.46
C THR C 5 -22.39 22.58 -12.50
N THR C 6 -22.16 22.87 -13.79
CA THR C 6 -22.38 21.91 -14.88
C THR C 6 -21.09 21.42 -15.55
N SER C 7 -20.88 20.10 -15.59
CA SER C 7 -19.79 19.49 -16.40
C SER C 7 -20.12 19.56 -17.90
N PHE C 8 -19.18 20.06 -18.69
CA PHE C 8 -19.36 20.19 -20.14
C PHE C 8 -18.15 19.54 -20.85
N ALA C 9 -18.26 19.39 -22.18
CA ALA C 9 -17.09 19.10 -23.04
C ALA C 9 -17.21 19.74 -24.42
N GLU C 10 -16.05 19.98 -25.05
CA GLU C 10 -15.95 20.52 -26.43
C GLU C 10 -14.73 19.88 -27.15
N GLY D 1 6.63 1.30 16.66
CA GLY D 1 5.38 1.45 15.85
C GLY D 1 5.59 1.97 14.45
N ARG D 2 6.52 1.36 13.71
CA ARG D 2 6.73 1.68 12.28
C ARG D 2 5.99 0.67 11.38
N PRO D 3 5.51 1.11 10.20
CA PRO D 3 4.81 0.19 9.29
C PRO D 3 5.64 -1.01 8.84
N ARG D 4 4.99 -2.17 8.78
CA ARG D 4 5.54 -3.40 8.24
C ARG D 4 6.09 -3.21 6.80
N THR D 5 7.15 -3.95 6.46
CA THR D 5 7.90 -3.73 5.22
C THR D 5 7.79 -4.88 4.17
N THR D 6 7.85 -4.53 2.89
CA THR D 6 7.67 -5.51 1.80
C THR D 6 8.93 -5.85 0.98
N SER D 7 9.31 -7.13 1.03
CA SER D 7 10.38 -7.69 0.17
C SER D 7 10.02 -7.53 -1.30
N PHE D 8 11.01 -7.16 -2.11
CA PHE D 8 10.82 -7.01 -3.56
C PHE D 8 12.08 -7.46 -4.31
N ALA D 9 11.91 -7.77 -5.61
CA ALA D 9 13.04 -7.98 -6.54
C ALA D 9 12.80 -7.39 -7.94
N GLU D 10 13.62 -6.40 -8.30
CA GLU D 10 13.63 -5.85 -9.67
C GLU D 10 14.78 -6.44 -10.51
#